data_8C50
#
_entry.id   8C50
#
_entity_poly.entity_id   1
_entity_poly.type   'polypeptide(L)'
_entity_poly.pdbx_seq_one_letter_code
;QGTTSSATTSQTGNTNTAVIDQVGGLNNSAEASQAGDGNVATVTQAEGMDNAVYIDQVGLTNTATVLQEGGLDNDADVDQ
DGDLNVAYIWQNLGEDNDADIDQDGTLNDAAIEQDGGEDNDADIDQDGSENAAYVGQTGGEDNDADIDQDGTFNNAYIGQ
FGGEDNEADLDQDGDANYAAILQDGGEDNDADIDQDGTNNWAETNQIQGNDNDVEVDQDGSDNIAEVWQMHGEDNEANVD
QDGDLNNAYILQEGGMNNLADVHQNGVSNTAEIYQYGGMDNEAYLIQDGDMHTGVITQSGDGANYAELNQMGLMNTGSIT
QDGMGNSAITSQGGSMNMSTVTQSGTGNISLVNQHGGHHHHHH
;
_entity_poly.pdbx_strand_id   A,B,C
#
# COMPACT_ATOMS: atom_id res chain seq x y z
N GLN A 1 102.60 39.00 -32.41
CA GLN A 1 102.89 38.65 -31.03
C GLN A 1 102.47 37.22 -30.73
N GLY A 2 101.70 36.64 -31.66
CA GLY A 2 101.29 35.26 -31.55
C GLY A 2 102.14 34.37 -32.43
N THR A 3 102.42 33.17 -31.94
CA THR A 3 103.34 32.26 -32.61
C THR A 3 102.56 31.23 -33.42
N THR A 4 103.01 30.97 -34.65
CA THR A 4 102.61 29.85 -35.49
C THR A 4 101.18 29.94 -36.03
N SER A 5 100.61 31.14 -36.15
CA SER A 5 99.30 31.28 -36.74
C SER A 5 99.35 30.98 -38.24
N SER A 6 98.28 30.39 -38.75
CA SER A 6 98.19 29.99 -40.15
C SER A 6 96.88 30.51 -40.76
N ALA A 7 96.98 31.15 -41.92
CA ALA A 7 95.83 31.66 -42.64
C ALA A 7 95.99 31.37 -44.12
N THR A 8 94.93 30.85 -44.74
CA THR A 8 94.94 30.50 -46.16
C THR A 8 93.68 31.04 -46.82
N THR A 9 93.86 31.68 -47.98
CA THR A 9 92.76 32.19 -48.79
C THR A 9 92.90 31.68 -50.21
N SER A 10 91.81 31.13 -50.74
CA SER A 10 91.77 30.63 -52.12
C SER A 10 90.49 31.12 -52.78
N GLN A 11 90.63 32.00 -53.76
CA GLN A 11 89.49 32.62 -54.42
C GLN A 11 89.58 32.38 -55.92
N THR A 12 88.54 31.78 -56.48
CA THR A 12 88.37 31.63 -57.92
C THR A 12 87.07 32.30 -58.34
N GLY A 13 87.15 33.15 -59.36
CA GLY A 13 85.97 33.85 -59.83
C GLY A 13 86.14 35.36 -59.94
N ASN A 14 85.03 36.09 -59.85
CA ASN A 14 85.02 37.53 -60.04
C ASN A 14 84.53 38.23 -58.78
N THR A 15 85.26 39.27 -58.36
CA THR A 15 84.84 40.17 -57.28
C THR A 15 84.62 39.44 -55.95
N ASN A 16 85.41 38.40 -55.70
CA ASN A 16 85.34 37.71 -54.41
C ASN A 16 86.17 38.45 -53.37
N THR A 17 85.63 38.54 -52.16
CA THR A 17 86.28 39.25 -51.06
C THR A 17 86.51 38.27 -49.92
N ALA A 18 87.76 38.19 -49.45
CA ALA A 18 88.14 37.35 -48.31
C ALA A 18 89.00 38.16 -47.37
N VAL A 19 88.59 38.24 -46.10
CA VAL A 19 89.32 38.97 -45.07
C VAL A 19 89.56 38.03 -43.92
N ILE A 20 90.82 37.91 -43.50
CA ILE A 20 91.21 37.11 -42.35
C ILE A 20 92.03 37.98 -41.40
N ASP A 21 91.59 38.09 -40.16
CA ASP A 21 92.25 38.90 -39.14
C ASP A 21 92.49 38.02 -37.91
N GLN A 22 93.74 37.62 -37.71
CA GLN A 22 94.15 36.83 -36.56
C GLN A 22 95.00 37.71 -35.65
N VAL A 23 94.42 38.20 -34.57
CA VAL A 23 95.10 39.09 -33.63
C VAL A 23 95.38 38.28 -32.37
N GLY A 24 96.65 38.03 -32.11
CA GLY A 24 97.05 37.27 -30.93
C GLY A 24 96.68 35.81 -31.00
N GLY A 25 97.25 35.01 -30.11
CA GLY A 25 96.93 33.60 -30.03
C GLY A 25 98.04 32.72 -30.59
N LEU A 26 98.03 31.46 -30.16
CA LEU A 26 99.05 30.48 -30.53
C LEU A 26 98.42 29.44 -31.44
N ASN A 27 98.98 29.30 -32.64
CA ASN A 27 98.64 28.22 -33.56
C ASN A 27 97.18 28.27 -34.01
N ASN A 28 96.67 29.47 -34.30
CA ASN A 28 95.34 29.60 -34.86
C ASN A 28 95.36 29.32 -36.35
N SER A 29 94.31 28.64 -36.83
CA SER A 29 94.21 28.25 -38.24
C SER A 29 92.91 28.79 -38.83
N ALA A 30 93.04 29.48 -39.96
CA ALA A 30 91.89 30.02 -40.67
C ALA A 30 92.04 29.71 -42.16
N GLU A 31 90.95 29.25 -42.78
CA GLU A 31 90.95 28.95 -44.21
C GLU A 31 89.66 29.46 -44.81
N ALA A 32 89.78 30.17 -45.94
CA ALA A 32 88.63 30.72 -46.65
C ALA A 32 88.76 30.42 -48.14
N SER A 33 87.83 29.63 -48.67
CA SER A 33 87.81 29.26 -50.08
C SER A 33 86.49 29.75 -50.68
N GLN A 34 86.58 30.50 -51.77
CA GLN A 34 85.42 31.07 -52.44
C GLN A 34 85.51 30.79 -53.94
N ALA A 35 84.58 29.97 -54.44
CA ALA A 35 84.46 29.70 -55.87
C ALA A 35 83.17 30.32 -56.36
N GLY A 36 83.26 31.19 -57.35
CA GLY A 36 82.09 31.88 -57.84
C GLY A 36 82.27 33.38 -57.91
N ASP A 37 81.16 34.12 -57.86
CA ASP A 37 81.19 35.56 -58.06
C ASP A 37 80.55 36.27 -56.87
N GLY A 38 81.25 37.28 -56.35
CA GLY A 38 80.69 38.14 -55.33
C GLY A 38 80.64 37.58 -53.94
N ASN A 39 81.30 36.45 -53.69
CA ASN A 39 81.27 35.84 -52.36
C ASN A 39 82.09 36.66 -51.38
N VAL A 40 81.57 36.78 -50.16
CA VAL A 40 82.21 37.55 -49.09
C VAL A 40 82.48 36.61 -47.92
N ALA A 41 83.73 36.57 -47.47
CA ALA A 41 84.14 35.75 -46.34
C ALA A 41 84.92 36.60 -45.37
N THR A 42 84.53 36.57 -44.10
CA THR A 42 85.22 37.31 -43.03
C THR A 42 85.52 36.34 -41.90
N VAL A 43 86.78 36.31 -41.46
CA VAL A 43 87.23 35.48 -40.35
C VAL A 43 88.00 36.39 -39.39
N THR A 44 87.65 36.33 -38.11
CA THR A 44 88.32 37.13 -37.08
C THR A 44 88.57 36.26 -35.86
N GLN A 45 89.84 35.92 -35.64
CA GLN A 45 90.24 35.12 -34.48
C GLN A 45 91.11 35.97 -33.57
N ALA A 46 90.66 36.15 -32.32
CA ALA A 46 91.32 37.01 -31.35
C ALA A 46 91.60 36.23 -30.07
N GLU A 47 92.87 36.23 -29.67
CA GLU A 47 93.34 35.75 -28.37
C GLU A 47 93.08 34.26 -28.13
N GLY A 48 92.69 33.51 -29.15
CA GLY A 48 92.43 32.09 -29.01
C GLY A 48 93.65 31.25 -29.36
N MET A 49 93.70 30.06 -28.78
CA MET A 49 94.79 29.12 -29.02
C MET A 49 94.23 27.87 -29.70
N ASP A 50 94.87 27.46 -30.79
CA ASP A 50 94.52 26.25 -31.53
C ASP A 50 93.09 26.32 -32.07
N ASN A 51 92.61 27.51 -32.40
CA ASN A 51 91.28 27.65 -32.98
C ASN A 51 91.33 27.41 -34.48
N ALA A 52 90.30 26.73 -34.98
CA ALA A 52 90.22 26.37 -36.39
C ALA A 52 88.95 26.94 -37.00
N VAL A 53 89.09 27.64 -38.12
CA VAL A 53 87.97 28.21 -38.86
C VAL A 53 88.11 27.78 -40.32
N TYR A 54 87.03 27.26 -40.89
CA TYR A 54 87.01 26.86 -42.30
C TYR A 54 85.74 27.41 -42.94
N ILE A 55 85.89 28.15 -44.03
CA ILE A 55 84.77 28.67 -44.80
C ILE A 55 84.92 28.21 -46.23
N ASP A 56 83.85 27.63 -46.79
CA ASP A 56 83.82 27.20 -48.19
C ASP A 56 82.54 27.72 -48.81
N GLN A 57 82.67 28.64 -49.76
CA GLN A 57 81.54 29.26 -50.43
C GLN A 57 81.59 28.92 -51.91
N VAL A 58 80.46 28.50 -52.46
CA VAL A 58 80.32 28.23 -53.89
C VAL A 58 79.07 28.94 -54.39
N GLY A 59 79.22 29.75 -55.43
CA GLY A 59 78.08 30.42 -56.03
C GLY A 59 78.18 31.93 -56.15
N LEU A 60 77.05 32.61 -56.04
CA LEU A 60 76.96 34.05 -56.27
C LEU A 60 76.60 34.77 -54.97
N THR A 61 77.43 35.73 -54.58
CA THR A 61 77.15 36.68 -53.50
C THR A 61 76.84 35.98 -52.17
N ASN A 62 77.56 34.91 -51.87
CA ASN A 62 77.41 34.26 -50.57
C ASN A 62 78.21 35.00 -49.51
N THR A 63 77.63 35.14 -48.32
CA THR A 63 78.23 35.90 -47.23
C THR A 63 78.42 34.99 -46.03
N ALA A 64 79.65 34.95 -45.50
CA ALA A 64 79.98 34.16 -44.32
C ALA A 64 80.84 35.00 -43.39
N THR A 65 80.49 35.01 -42.11
CA THR A 65 81.26 35.72 -41.09
C THR A 65 81.49 34.79 -39.91
N VAL A 66 82.74 34.67 -39.48
CA VAL A 66 83.12 33.86 -38.32
C VAL A 66 83.95 34.73 -37.39
N LEU A 67 83.57 34.76 -36.11
CA LEU A 67 84.27 35.53 -35.09
C LEU A 67 84.52 34.62 -33.88
N GLN A 68 85.78 34.29 -33.65
CA GLN A 68 86.18 33.47 -32.50
C GLN A 68 87.07 34.32 -31.60
N GLU A 69 86.53 34.74 -30.46
CA GLU A 69 87.25 35.56 -29.50
C GLU A 69 87.68 34.67 -28.33
N GLY A 70 88.96 34.30 -28.32
CA GLY A 70 89.49 33.47 -27.25
C GLY A 70 89.06 32.03 -27.35
N GLY A 71 89.42 31.26 -26.33
CA GLY A 71 89.06 29.87 -26.25
C GLY A 71 90.14 28.94 -26.75
N LEU A 72 89.99 27.66 -26.38
CA LEU A 72 90.95 26.62 -26.73
C LEU A 72 90.28 25.60 -27.64
N ASP A 73 90.88 25.36 -28.81
CA ASP A 73 90.47 24.29 -29.71
C ASP A 73 89.04 24.47 -30.22
N ASN A 74 88.65 25.71 -30.50
CA ASN A 74 87.33 25.97 -31.06
C ASN A 74 87.34 25.73 -32.56
N ASP A 75 86.32 25.04 -33.06
CA ASP A 75 86.21 24.68 -34.46
C ASP A 75 84.93 25.27 -35.04
N ALA A 76 85.07 26.01 -36.14
CA ALA A 76 83.95 26.59 -36.86
C ALA A 76 84.05 26.19 -38.32
N ASP A 77 82.93 25.72 -38.88
CA ASP A 77 82.87 25.29 -40.27
C ASP A 77 81.64 25.89 -40.93
N VAL A 78 81.83 26.52 -42.09
CA VAL A 78 80.76 27.10 -42.88
C VAL A 78 80.88 26.54 -44.29
N ASP A 79 79.78 26.00 -44.82
CA ASP A 79 79.73 25.47 -46.18
C ASP A 79 78.46 25.98 -46.84
N GLN A 80 78.63 26.90 -47.79
CA GLN A 80 77.52 27.49 -48.53
C GLN A 80 77.62 27.09 -49.99
N ASP A 81 76.54 26.56 -50.54
CA ASP A 81 76.43 26.20 -51.95
C ASP A 81 75.15 26.81 -52.49
N GLY A 82 75.27 27.82 -53.33
CA GLY A 82 74.10 28.49 -53.85
C GLY A 82 74.32 29.98 -53.93
N ASP A 83 73.24 30.73 -53.83
CA ASP A 83 73.26 32.17 -54.04
C ASP A 83 72.68 32.90 -52.84
N LEU A 84 73.31 34.02 -52.47
CA LEU A 84 72.78 34.95 -51.48
C LEU A 84 72.61 34.33 -50.10
N ASN A 85 73.40 33.31 -49.79
CA ASN A 85 73.33 32.67 -48.48
C ASN A 85 74.13 33.45 -47.46
N VAL A 86 73.57 33.60 -46.26
CA VAL A 86 74.18 34.35 -45.17
C VAL A 86 74.43 33.39 -44.01
N ALA A 87 75.67 33.35 -43.54
CA ALA A 87 76.05 32.51 -42.41
C ALA A 87 76.86 33.34 -41.42
N TYR A 88 76.53 33.20 -40.13
CA TYR A 88 77.22 33.89 -39.06
C TYR A 88 77.55 32.89 -37.96
N ILE A 89 78.80 32.92 -37.50
CA ILE A 89 79.27 32.07 -36.40
C ILE A 89 80.01 32.95 -35.41
N TRP A 90 79.66 32.85 -34.13
CA TRP A 90 80.33 33.55 -33.05
C TRP A 90 80.66 32.53 -31.97
N GLN A 91 81.92 32.52 -31.53
CA GLN A 91 82.38 31.66 -30.44
C GLN A 91 83.22 32.50 -29.49
N ASN A 92 82.72 32.70 -28.27
CA ASN A 92 83.39 33.54 -27.28
C ASN A 92 83.76 32.71 -26.06
N LEU A 93 85.06 32.63 -25.77
CA LEU A 93 85.58 32.07 -24.51
C LEU A 93 85.19 30.62 -24.29
N GLY A 94 84.98 29.85 -25.36
CA GLY A 94 84.62 28.46 -25.23
C GLY A 94 85.79 27.53 -25.51
N GLU A 95 85.75 26.36 -24.87
CA GLU A 95 86.76 25.33 -25.07
C GLU A 95 86.15 24.15 -25.81
N ASP A 96 86.80 23.73 -26.89
CA ASP A 96 86.41 22.55 -27.67
C ASP A 96 85.00 22.69 -28.24
N ASN A 97 84.56 23.91 -28.53
CA ASN A 97 83.24 24.12 -29.11
C ASN A 97 83.28 23.89 -30.61
N ASP A 98 82.25 23.19 -31.11
CA ASP A 98 82.15 22.86 -32.53
C ASP A 98 80.88 23.50 -33.09
N ALA A 99 81.05 24.29 -34.14
CA ALA A 99 79.94 24.94 -34.83
C ALA A 99 80.00 24.57 -36.32
N ASP A 100 78.87 24.14 -36.87
CA ASP A 100 78.80 23.73 -38.26
C ASP A 100 77.56 24.35 -38.90
N ILE A 101 77.75 25.01 -40.04
CA ILE A 101 76.66 25.56 -40.83
C ILE A 101 76.80 25.02 -42.24
N ASP A 102 75.72 24.46 -42.78
CA ASP A 102 75.68 23.94 -44.13
C ASP A 102 74.41 24.44 -44.80
N GLN A 103 74.57 25.38 -45.74
CA GLN A 103 73.45 25.99 -46.44
C GLN A 103 73.56 25.64 -47.92
N ASP A 104 72.48 25.11 -48.49
CA ASP A 104 72.37 24.82 -49.91
C ASP A 104 71.10 25.47 -50.43
N GLY A 105 71.25 26.43 -51.35
CA GLY A 105 70.11 27.04 -51.97
C GLY A 105 70.26 28.54 -52.07
N THR A 106 69.15 29.25 -51.89
CA THR A 106 69.08 30.69 -52.12
C THR A 106 68.59 31.40 -50.87
N LEU A 107 69.23 32.52 -50.53
CA LEU A 107 68.77 33.46 -49.51
C LEU A 107 68.63 32.82 -48.14
N ASN A 108 69.42 31.78 -47.85
CA ASN A 108 69.35 31.14 -46.55
C ASN A 108 70.16 31.91 -45.52
N ASP A 109 69.58 32.08 -44.33
CA ASP A 109 70.21 32.80 -43.23
C ASP A 109 70.39 31.83 -42.06
N ALA A 110 71.63 31.65 -41.62
CA ALA A 110 71.96 30.79 -40.48
C ALA A 110 72.86 31.53 -39.52
N ALA A 111 72.58 31.37 -38.23
CA ALA A 111 73.37 32.02 -37.19
C ALA A 111 73.63 31.04 -36.06
N ILE A 112 74.88 30.96 -35.61
CA ILE A 112 75.29 30.12 -34.49
C ILE A 112 76.08 30.99 -33.52
N GLU A 113 75.67 30.98 -32.25
CA GLU A 113 76.33 31.75 -31.20
C GLU A 113 76.64 30.80 -30.04
N GLN A 114 77.90 30.77 -29.62
CA GLN A 114 78.33 29.94 -28.50
C GLN A 114 79.15 30.81 -27.56
N ASP A 115 78.53 31.24 -26.45
CA ASP A 115 79.18 32.09 -25.46
C ASP A 115 79.64 31.19 -24.32
N GLY A 116 80.92 30.84 -24.32
CA GLY A 116 81.48 30.02 -23.27
C GLY A 116 81.08 28.55 -23.42
N GLY A 117 81.43 27.78 -22.39
CA GLY A 117 81.10 26.37 -22.33
C GLY A 117 82.19 25.49 -22.90
N GLU A 118 82.05 24.20 -22.61
CA GLU A 118 83.01 23.18 -23.03
C GLU A 118 82.28 22.10 -23.82
N ASP A 119 82.83 21.74 -24.98
CA ASP A 119 82.35 20.63 -25.79
C ASP A 119 80.92 20.84 -26.30
N ASN A 120 80.55 22.10 -26.54
CA ASN A 120 79.22 22.40 -27.08
C ASN A 120 79.22 22.20 -28.59
N ASP A 121 78.22 21.49 -29.08
CA ASP A 121 78.11 21.16 -30.51
C ASP A 121 76.84 21.80 -31.06
N ALA A 122 77.00 22.60 -32.12
CA ALA A 122 75.88 23.23 -32.81
C ALA A 122 75.97 22.90 -34.29
N ASP A 123 74.86 22.45 -34.87
CA ASP A 123 74.81 22.08 -36.28
C ASP A 123 73.54 22.65 -36.91
N ILE A 124 73.70 23.34 -38.02
CA ILE A 124 72.58 23.87 -38.81
C ILE A 124 72.73 23.36 -40.24
N ASP A 125 71.67 22.79 -40.78
CA ASP A 125 71.63 22.31 -42.15
C ASP A 125 70.36 22.83 -42.81
N GLN A 126 70.52 23.74 -43.77
CA GLN A 126 69.41 24.36 -44.47
C GLN A 126 69.49 24.01 -45.95
N ASP A 127 68.38 23.55 -46.52
CA ASP A 127 68.27 23.28 -47.95
C ASP A 127 67.01 23.97 -48.45
N GLY A 128 67.16 24.84 -49.45
CA GLY A 128 66.01 25.52 -50.02
C GLY A 128 66.16 27.01 -50.18
N SER A 129 65.07 27.74 -49.96
CA SER A 129 65.03 29.18 -50.23
C SER A 129 64.55 29.93 -49.00
N GLU A 130 65.31 30.96 -48.61
CA GLU A 130 64.90 31.94 -47.59
C GLU A 130 64.59 31.30 -46.24
N ASN A 131 65.34 30.26 -45.86
CA ASN A 131 65.18 29.66 -44.54
C ASN A 131 66.04 30.38 -43.51
N ALA A 132 65.47 30.60 -42.34
CA ALA A 132 66.15 31.28 -41.24
C ALA A 132 66.33 30.32 -40.08
N ALA A 133 67.57 30.19 -39.60
CA ALA A 133 67.88 29.32 -38.48
C ALA A 133 68.81 30.02 -37.51
N TYR A 134 68.52 29.88 -36.21
CA TYR A 134 69.35 30.44 -35.16
C TYR A 134 69.59 29.40 -34.08
N VAL A 135 70.85 29.27 -33.67
CA VAL A 135 71.26 28.40 -32.57
C VAL A 135 72.06 29.23 -31.58
N GLY A 136 71.65 29.20 -30.32
CA GLY A 136 72.36 29.90 -29.26
C GLY A 136 72.68 28.99 -28.10
N GLN A 137 73.92 29.00 -27.64
CA GLN A 137 74.36 28.18 -26.51
C GLN A 137 75.20 29.06 -25.58
N THR A 138 74.63 29.42 -24.43
CA THR A 138 75.30 30.24 -23.44
C THR A 138 75.67 29.35 -22.26
N GLY A 139 76.96 29.06 -22.11
CA GLY A 139 77.43 28.21 -21.03
C GLY A 139 77.04 26.76 -21.21
N GLY A 140 77.40 25.93 -20.23
CA GLY A 140 77.04 24.52 -20.25
C GLY A 140 78.12 23.65 -20.86
N GLU A 141 78.01 22.35 -20.58
CA GLU A 141 78.97 21.36 -21.05
C GLU A 141 78.23 20.28 -21.83
N ASP A 142 78.78 19.91 -22.99
CA ASP A 142 78.27 18.81 -23.80
C ASP A 142 76.84 19.04 -24.28
N ASN A 143 76.50 20.29 -24.57
CA ASN A 143 75.19 20.63 -25.12
C ASN A 143 75.19 20.43 -26.63
N ASP A 144 74.14 19.79 -27.13
CA ASP A 144 74.02 19.45 -28.55
C ASP A 144 72.77 20.10 -29.11
N ALA A 145 72.93 20.88 -30.17
CA ALA A 145 71.84 21.52 -30.88
C ALA A 145 71.92 21.17 -32.36
N ASP A 146 70.80 20.72 -32.93
CA ASP A 146 70.75 20.35 -34.34
C ASP A 146 69.49 20.93 -34.97
N ILE A 147 69.66 21.61 -36.09
CA ILE A 147 68.56 22.17 -36.87
C ILE A 147 68.68 21.65 -38.30
N ASP A 148 67.58 21.13 -38.85
CA ASP A 148 67.51 20.66 -40.22
C ASP A 148 66.25 21.24 -40.86
N GLN A 149 66.44 22.14 -41.81
CA GLN A 149 65.34 22.82 -42.49
C GLN A 149 65.41 22.50 -43.98
N ASP A 150 64.28 22.09 -44.55
CA ASP A 150 64.14 21.87 -45.99
C ASP A 150 62.89 22.59 -46.47
N GLY A 151 63.05 23.51 -47.42
CA GLY A 151 61.91 24.15 -48.02
C GLY A 151 62.06 25.65 -48.09
N THR A 152 60.95 26.35 -47.88
CA THR A 152 60.87 27.80 -48.07
C THR A 152 60.35 28.47 -46.81
N PHE A 153 60.96 29.61 -46.45
CA PHE A 153 60.46 30.51 -45.42
C PHE A 153 60.38 29.86 -44.04
N ASN A 154 61.21 28.85 -43.78
CA ASN A 154 61.16 28.14 -42.51
C ASN A 154 62.00 28.87 -41.47
N ASN A 155 61.42 29.03 -40.27
CA ASN A 155 62.07 29.71 -39.16
C ASN A 155 62.34 28.71 -38.06
N ALA A 156 63.59 28.61 -37.63
CA ALA A 156 63.98 27.70 -36.57
C ALA A 156 64.81 28.45 -35.53
N TYR A 157 64.47 28.24 -34.26
CA TYR A 157 65.19 28.85 -33.14
C TYR A 157 65.50 27.77 -32.12
N ILE A 158 66.76 27.69 -31.69
CA ILE A 158 67.18 26.79 -30.63
C ILE A 158 68.00 27.61 -29.64
N GLY A 159 67.63 27.55 -28.36
CA GLY A 159 68.36 28.23 -27.32
C GLY A 159 68.66 27.31 -26.15
N GLN A 160 69.92 27.31 -25.69
CA GLN A 160 70.34 26.49 -24.56
C GLN A 160 71.18 27.36 -23.63
N PHE A 161 70.60 27.75 -22.50
CA PHE A 161 71.27 28.60 -21.52
C PHE A 161 71.64 27.74 -20.32
N GLY A 162 72.89 27.29 -20.29
CA GLY A 162 73.37 26.46 -19.20
C GLY A 162 72.92 25.02 -19.32
N GLY A 163 73.36 24.21 -18.36
CA GLY A 163 73.00 22.81 -18.30
C GLY A 163 74.02 21.91 -18.97
N GLU A 164 73.94 20.63 -18.60
CA GLU A 164 74.87 19.62 -19.08
C GLU A 164 74.10 18.55 -19.85
N ASP A 165 74.62 18.18 -21.02
CA ASP A 165 74.08 17.09 -21.83
C ASP A 165 72.65 17.36 -22.31
N ASN A 166 72.33 18.62 -22.60
CA ASN A 166 71.03 18.97 -23.14
C ASN A 166 71.03 18.80 -24.65
N GLU A 167 70.01 18.12 -25.18
CA GLU A 167 69.91 17.80 -26.59
C GLU A 167 68.67 18.46 -27.17
N ALA A 168 68.85 19.21 -28.25
CA ALA A 168 67.76 19.86 -28.97
C ALA A 168 67.84 19.46 -30.44
N ASP A 169 66.72 18.96 -30.97
CA ASP A 169 66.64 18.53 -32.36
C ASP A 169 65.42 19.17 -33.01
N LEU A 170 65.64 19.85 -34.14
CA LEU A 170 64.58 20.55 -34.86
C LEU A 170 64.63 20.11 -36.32
N ASP A 171 63.48 19.71 -36.84
CA ASP A 171 63.34 19.29 -38.23
C ASP A 171 62.11 19.94 -38.82
N GLN A 172 62.30 20.68 -39.91
CA GLN A 172 61.21 21.35 -40.61
C GLN A 172 61.27 20.99 -42.08
N ASP A 173 60.14 20.60 -42.65
CA ASP A 173 60.02 20.33 -44.08
C ASP A 173 58.76 21.02 -44.59
N GLY A 174 58.94 21.99 -45.47
CA GLY A 174 57.80 22.63 -46.09
C GLY A 174 57.97 24.14 -46.16
N ASP A 175 56.85 24.83 -45.98
CA ASP A 175 56.75 26.27 -46.23
C ASP A 175 56.32 26.99 -44.96
N ALA A 176 57.04 28.07 -44.62
CA ALA A 176 56.63 29.03 -43.61
C ALA A 176 56.42 28.42 -42.23
N ASN A 177 57.19 27.39 -41.90
CA ASN A 177 57.06 26.72 -40.61
C ASN A 177 57.94 27.40 -39.57
N TYR A 178 57.39 27.60 -38.37
CA TYR A 178 58.09 28.21 -37.25
C TYR A 178 58.24 27.19 -36.14
N ALA A 179 59.48 26.97 -35.69
CA ALA A 179 59.77 26.05 -34.59
C ALA A 179 60.75 26.71 -33.64
N ALA A 180 60.49 26.57 -32.33
CA ALA A 180 61.30 27.17 -31.30
C ALA A 180 61.51 26.17 -30.16
N ILE A 181 62.76 26.02 -29.74
CA ILE A 181 63.14 25.16 -28.63
C ILE A 181 63.95 26.01 -27.64
N LEU A 182 63.58 25.97 -26.37
CA LEU A 182 64.27 26.71 -25.33
C LEU A 182 64.57 25.76 -24.17
N GLN A 183 65.83 25.76 -23.71
CA GLN A 183 66.25 24.95 -22.58
C GLN A 183 67.10 25.81 -21.66
N ASP A 184 66.52 26.22 -20.54
CA ASP A 184 67.19 27.07 -19.56
C ASP A 184 67.59 26.20 -18.38
N GLY A 185 68.83 25.73 -18.37
CA GLY A 185 69.33 24.91 -17.29
C GLY A 185 68.85 23.48 -17.38
N GLY A 186 69.31 22.68 -16.42
CA GLY A 186 68.92 21.29 -16.32
C GLY A 186 69.89 20.36 -17.02
N GLU A 187 69.83 19.09 -16.62
CA GLU A 187 70.73 18.05 -17.12
C GLU A 187 69.94 17.01 -17.89
N ASP A 188 70.47 16.60 -19.05
CA ASP A 188 69.92 15.51 -19.85
C ASP A 188 68.52 15.81 -20.38
N ASN A 189 68.25 17.07 -20.73
CA ASN A 189 66.97 17.43 -21.31
C ASN A 189 66.97 17.17 -22.81
N ASP A 190 65.91 16.52 -23.29
CA ASP A 190 65.77 16.15 -24.69
C ASP A 190 64.52 16.81 -25.26
N ALA A 191 64.71 17.63 -26.30
CA ALA A 191 63.61 18.28 -27.01
C ALA A 191 63.70 17.93 -28.48
N ASP A 192 62.57 17.53 -29.07
CA ASP A 192 62.51 17.16 -30.47
C ASP A 192 61.26 17.77 -31.09
N ILE A 193 61.45 18.49 -32.20
CA ILE A 193 60.35 19.10 -32.95
C ILE A 193 60.46 18.61 -34.39
N ASP A 194 59.34 18.13 -34.94
CA ASP A 194 59.27 17.70 -36.33
C ASP A 194 58.01 18.29 -36.95
N GLN A 195 58.19 19.13 -37.96
CA GLN A 195 57.09 19.80 -38.65
C GLN A 195 57.15 19.47 -40.13
N ASP A 196 56.01 19.05 -40.69
CA ASP A 196 55.86 18.81 -42.12
C ASP A 196 54.61 19.55 -42.60
N GLY A 197 54.80 20.49 -43.53
CA GLY A 197 53.67 21.16 -44.12
C GLY A 197 53.87 22.65 -44.21
N THR A 198 52.78 23.40 -44.01
CA THR A 198 52.75 24.83 -44.24
C THR A 198 52.30 25.57 -42.99
N ASN A 199 53.04 26.61 -42.61
CA ASN A 199 52.62 27.58 -41.60
C ASN A 199 52.36 26.92 -40.24
N ASN A 200 53.20 25.96 -39.87
CA ASN A 200 53.06 25.27 -38.59
C ASN A 200 53.87 25.99 -37.52
N TRP A 201 53.27 26.17 -36.34
CA TRP A 201 53.89 26.84 -35.22
C TRP A 201 54.12 25.83 -34.10
N ALA A 202 55.37 25.70 -33.66
CA ALA A 202 55.72 24.81 -32.56
C ALA A 202 56.67 25.53 -31.62
N GLU A 203 56.39 25.44 -30.32
CA GLU A 203 57.25 26.03 -29.30
C GLU A 203 57.36 25.08 -28.13
N THR A 204 58.60 24.83 -27.69
CA THR A 204 58.88 23.96 -26.55
C THR A 204 59.81 24.70 -25.59
N ASN A 205 59.50 24.63 -24.30
CA ASN A 205 60.30 25.28 -23.25
C ASN A 205 60.54 24.29 -22.12
N GLN A 206 61.79 24.16 -21.71
CA GLN A 206 62.20 23.34 -20.57
C GLN A 206 63.06 24.20 -19.66
N ILE A 207 62.54 24.51 -18.47
CA ILE A 207 63.21 25.42 -17.54
C ILE A 207 63.59 24.63 -16.29
N GLN A 208 64.90 24.52 -16.05
CA GLN A 208 65.44 23.97 -14.81
C GLN A 208 64.92 22.57 -14.51
N GLY A 209 64.78 21.74 -15.54
CA GLY A 209 64.32 20.38 -15.39
C GLY A 209 65.40 19.39 -15.75
N ASN A 210 65.37 18.24 -15.09
CA ASN A 210 66.32 17.16 -15.34
C ASN A 210 65.62 16.00 -16.02
N ASP A 211 66.25 15.46 -17.06
CA ASP A 211 65.76 14.26 -17.75
C ASP A 211 64.38 14.48 -18.38
N ASN A 212 64.03 15.72 -18.71
CA ASN A 212 62.74 16.00 -19.33
C ASN A 212 62.79 15.69 -20.82
N ASP A 213 61.69 15.12 -21.32
CA ASP A 213 61.59 14.75 -22.73
C ASP A 213 60.35 15.40 -23.33
N VAL A 214 60.55 16.13 -24.42
CA VAL A 214 59.46 16.78 -25.15
C VAL A 214 59.56 16.36 -26.61
N GLU A 215 58.43 15.92 -27.18
CA GLU A 215 58.36 15.53 -28.57
C GLU A 215 57.13 16.16 -29.20
N VAL A 216 57.33 16.90 -30.29
CA VAL A 216 56.25 17.55 -31.02
C VAL A 216 56.32 17.08 -32.47
N ASP A 217 55.19 16.63 -33.00
CA ASP A 217 55.08 16.20 -34.39
C ASP A 217 53.84 16.83 -34.99
N GLN A 218 54.04 17.66 -36.01
CA GLN A 218 52.95 18.35 -36.69
C GLN A 218 52.99 18.02 -38.17
N ASP A 219 51.84 17.64 -38.72
CA ASP A 219 51.68 17.40 -40.15
C ASP A 219 50.46 18.17 -40.63
N GLY A 220 50.65 19.04 -41.62
CA GLY A 220 49.53 19.74 -42.21
C GLY A 220 49.76 21.23 -42.25
N SER A 221 48.70 21.98 -41.99
CA SER A 221 48.70 23.44 -42.14
C SER A 221 48.18 24.11 -40.88
N ASP A 222 48.84 25.21 -40.49
CA ASP A 222 48.35 26.12 -39.45
C ASP A 222 48.19 25.45 -38.09
N ASN A 223 49.00 24.42 -37.81
CA ASN A 223 48.93 23.75 -36.52
C ASN A 223 49.80 24.47 -35.50
N ILE A 224 49.26 24.66 -34.31
CA ILE A 224 49.95 25.37 -33.22
C ILE A 224 50.12 24.41 -32.06
N ALA A 225 51.36 24.26 -31.60
CA ALA A 225 51.69 23.42 -30.46
C ALA A 225 52.60 24.19 -29.51
N GLU A 226 52.25 24.19 -28.23
CA GLU A 226 53.04 24.84 -27.20
C GLU A 226 53.23 23.89 -26.03
N VAL A 227 54.47 23.70 -25.60
CA VAL A 227 54.80 22.80 -24.51
C VAL A 227 55.68 23.55 -23.52
N TRP A 228 55.32 23.50 -22.24
CA TRP A 228 56.12 24.09 -21.16
C TRP A 228 56.35 23.03 -20.10
N GLN A 229 57.61 22.85 -19.70
CA GLN A 229 57.98 21.98 -18.59
C GLN A 229 58.92 22.74 -17.68
N MET A 230 58.48 23.01 -16.45
CA MET A 230 59.23 23.82 -15.50
C MET A 230 59.50 23.03 -14.24
N HIS A 231 60.78 22.94 -13.85
CA HIS A 231 61.21 22.39 -12.57
C HIS A 231 60.77 20.95 -12.36
N GLY A 232 60.70 20.14 -13.41
CA GLY A 232 60.29 18.76 -13.27
C GLY A 232 61.37 17.76 -13.65
N GLU A 233 61.31 16.57 -13.09
CA GLU A 233 62.26 15.50 -13.38
C GLU A 233 61.52 14.37 -14.10
N ASP A 234 62.10 13.87 -15.19
CA ASP A 234 61.59 12.72 -15.93
C ASP A 234 60.18 12.96 -16.47
N ASN A 235 59.83 14.20 -16.77
CA ASN A 235 58.53 14.51 -17.33
C ASN A 235 58.56 14.33 -18.84
N GLU A 236 57.51 13.71 -19.38
CA GLU A 236 57.41 13.42 -20.80
C GLU A 236 56.18 14.12 -21.37
N ALA A 237 56.37 14.87 -22.44
CA ALA A 237 55.29 15.55 -23.15
C ALA A 237 55.34 15.14 -24.61
N ASN A 238 54.20 14.74 -25.15
CA ASN A 238 54.08 14.31 -26.53
C ASN A 238 52.90 15.02 -27.18
N VAL A 239 53.13 15.64 -28.33
CA VAL A 239 52.11 16.32 -29.11
C VAL A 239 52.15 15.74 -30.52
N ASP A 240 50.99 15.31 -31.02
CA ASP A 240 50.86 14.82 -32.39
C ASP A 240 49.64 15.47 -33.00
N GLN A 241 49.85 16.28 -34.03
CA GLN A 241 48.78 16.99 -34.71
C GLN A 241 48.81 16.64 -36.19
N ASP A 242 47.66 16.24 -36.74
CA ASP A 242 47.50 15.97 -38.16
C ASP A 242 46.28 16.73 -38.67
N GLY A 243 46.50 17.69 -39.56
CA GLY A 243 45.39 18.40 -40.17
C GLY A 243 45.64 19.89 -40.20
N ASP A 244 44.56 20.64 -39.94
CA ASP A 244 44.54 22.09 -40.09
C ASP A 244 44.07 22.76 -38.81
N LEU A 245 44.69 23.88 -38.46
CA LEU A 245 44.21 24.78 -37.41
C LEU A 245 44.11 24.11 -36.05
N ASN A 246 44.92 23.08 -35.79
CA ASN A 246 44.88 22.39 -34.52
C ASN A 246 45.75 23.11 -33.50
N ASN A 247 45.20 23.30 -32.29
CA ASN A 247 45.88 23.99 -31.21
C ASN A 247 46.04 23.04 -30.03
N ALA A 248 47.28 22.88 -29.59
CA ALA A 248 47.62 22.02 -28.46
C ALA A 248 48.49 22.81 -27.48
N TYR A 249 48.14 22.75 -26.19
CA TYR A 249 48.91 23.40 -25.14
C TYR A 249 49.12 22.41 -24.01
N ILE A 250 50.38 22.26 -23.59
CA ILE A 250 50.75 21.36 -22.50
C ILE A 250 51.59 22.16 -21.51
N LEU A 251 51.22 22.08 -20.23
CA LEU A 251 51.96 22.74 -19.15
C LEU A 251 52.21 21.70 -18.05
N GLN A 252 53.47 21.53 -17.68
CA GLN A 252 53.86 20.63 -16.59
C GLN A 252 54.78 21.40 -15.65
N GLU A 253 54.25 21.80 -14.50
CA GLU A 253 55.01 22.57 -13.52
C GLU A 253 55.38 21.66 -12.36
N GLY A 254 56.64 21.25 -12.31
CA GLY A 254 57.11 20.38 -11.26
C GLY A 254 56.63 18.95 -11.45
N GLY A 255 57.02 18.09 -10.52
CA GLY A 255 56.60 16.72 -10.51
C GLY A 255 57.64 15.79 -11.12
N MET A 256 57.47 14.49 -10.86
CA MET A 256 58.37 13.46 -11.34
C MET A 256 57.57 12.41 -12.10
N ASN A 257 58.05 12.03 -13.28
CA ASN A 257 57.45 10.97 -14.10
C ASN A 257 56.03 11.32 -14.53
N ASN A 258 55.77 12.58 -14.81
CA ASN A 258 54.48 13.01 -15.31
C ASN A 258 54.44 12.90 -16.83
N LEU A 259 53.37 12.31 -17.35
CA LEU A 259 53.22 12.04 -18.78
C LEU A 259 52.01 12.78 -19.31
N ALA A 260 52.23 13.56 -20.37
CA ALA A 260 51.15 14.26 -21.07
C ALA A 260 51.19 13.87 -22.54
N ASP A 261 50.03 13.51 -23.09
CA ASP A 261 49.93 13.10 -24.48
C ASP A 261 48.72 13.78 -25.11
N VAL A 262 48.96 14.46 -26.23
CA VAL A 262 47.91 15.11 -27.01
C VAL A 262 47.97 14.55 -28.41
N HIS A 263 46.83 14.05 -28.90
CA HIS A 263 46.69 13.54 -30.26
C HIS A 263 45.47 14.21 -30.89
N GLN A 264 45.68 14.92 -32.00
CA GLN A 264 44.62 15.63 -32.69
C GLN A 264 44.65 15.28 -34.17
N ASN A 265 43.50 14.88 -34.70
CA ASN A 265 43.32 14.70 -36.14
C ASN A 265 42.11 15.49 -36.58
N GLY A 266 42.30 16.39 -37.55
CA GLY A 266 41.19 17.11 -38.14
C GLY A 266 41.47 18.60 -38.24
N VAL A 267 40.40 19.38 -38.11
CA VAL A 267 40.44 20.83 -38.31
C VAL A 267 39.94 21.52 -37.06
N SER A 268 40.71 22.50 -36.57
CA SER A 268 40.27 23.44 -35.54
C SER A 268 40.02 22.74 -34.20
N ASN A 269 40.87 21.77 -33.85
CA ASN A 269 40.75 21.08 -32.57
C ASN A 269 41.63 21.77 -31.52
N THR A 270 41.07 21.92 -30.33
CA THR A 270 41.75 22.60 -29.22
C THR A 270 41.92 21.63 -28.07
N ALA A 271 43.16 21.48 -27.59
CA ALA A 271 43.48 20.61 -26.47
C ALA A 271 44.38 21.35 -25.50
N GLU A 272 44.06 21.26 -24.21
CA GLU A 272 44.85 21.88 -23.15
C GLU A 272 45.06 20.89 -22.03
N ILE A 273 46.31 20.73 -21.60
CA ILE A 273 46.67 19.83 -20.50
C ILE A 273 47.49 20.63 -19.50
N TYR A 274 47.10 20.58 -18.24
CA TYR A 274 47.80 21.24 -17.14
C TYR A 274 48.09 20.20 -16.06
N GLN A 275 49.35 20.11 -15.66
CA GLN A 275 49.77 19.22 -14.57
C GLN A 275 50.61 20.05 -13.60
N TYR A 276 50.18 20.09 -12.34
CA TYR A 276 50.87 20.86 -11.31
C TYR A 276 51.44 19.88 -10.29
N GLY A 277 52.71 19.53 -10.46
CA GLY A 277 53.38 18.62 -9.56
C GLY A 277 52.83 17.20 -9.62
N GLY A 278 53.28 16.36 -8.70
CA GLY A 278 52.78 15.01 -8.59
C GLY A 278 53.70 13.98 -9.24
N MET A 279 53.50 12.73 -8.86
CA MET A 279 54.30 11.61 -9.36
C MET A 279 53.40 10.67 -10.15
N ASP A 280 53.86 10.30 -11.35
CA ASP A 280 53.22 9.29 -12.18
C ASP A 280 51.83 9.73 -12.66
N ASN A 281 51.61 11.04 -12.76
CA ASN A 281 50.37 11.54 -13.33
C ASN A 281 50.37 11.34 -14.84
N GLU A 282 49.27 10.81 -15.38
CA GLU A 282 49.15 10.52 -16.80
C GLU A 282 47.91 11.23 -17.35
N ALA A 283 48.09 11.96 -18.44
CA ALA A 283 47.01 12.66 -19.12
C ALA A 283 47.05 12.31 -20.60
N TYR A 284 45.90 11.91 -21.15
CA TYR A 284 45.74 11.60 -22.56
C TYR A 284 44.56 12.37 -23.10
N LEU A 285 44.78 13.11 -24.20
CA LEU A 285 43.72 13.89 -24.83
C LEU A 285 43.72 13.58 -26.32
N ILE A 286 42.71 12.85 -26.78
CA ILE A 286 42.58 12.43 -28.17
C ILE A 286 41.35 13.10 -28.76
N GLN A 287 41.53 13.77 -29.90
CA GLN A 287 40.43 14.46 -30.59
C GLN A 287 40.48 14.11 -32.07
N ASP A 288 39.54 13.27 -32.50
CA ASP A 288 39.41 12.87 -33.90
C ASP A 288 38.13 13.51 -34.45
N GLY A 289 38.30 14.50 -35.34
CA GLY A 289 37.17 15.23 -35.87
C GLY A 289 37.48 16.71 -35.94
N ASP A 290 36.42 17.51 -35.94
CA ASP A 290 36.53 18.95 -36.15
C ASP A 290 35.96 19.72 -34.96
N MET A 291 36.62 20.83 -34.63
CA MET A 291 36.15 21.80 -33.65
C MET A 291 35.99 21.20 -32.25
N HIS A 292 36.89 20.31 -31.86
CA HIS A 292 36.84 19.73 -30.53
C HIS A 292 37.56 20.62 -29.52
N THR A 293 37.02 20.65 -28.30
CA THR A 293 37.59 21.40 -27.19
C THR A 293 37.78 20.44 -26.02
N GLY A 294 39.02 20.33 -25.54
CA GLY A 294 39.32 19.46 -24.43
C GLY A 294 40.26 20.13 -23.43
N VAL A 295 39.93 19.98 -22.15
CA VAL A 295 40.71 20.55 -21.06
C VAL A 295 40.93 19.47 -20.00
N ILE A 296 42.18 19.26 -19.61
CA ILE A 296 42.55 18.31 -18.57
C ILE A 296 43.42 19.05 -17.56
N THR A 297 43.08 18.93 -16.28
CA THR A 297 43.82 19.55 -15.20
C THR A 297 44.07 18.52 -14.10
N GLN A 298 45.33 18.40 -13.67
CA GLN A 298 45.73 17.43 -12.65
C GLN A 298 46.57 18.14 -11.60
N SER A 299 46.20 17.96 -10.33
CA SER A 299 46.96 18.46 -9.19
C SER A 299 46.88 17.43 -8.07
N GLY A 300 47.99 16.77 -7.78
CA GLY A 300 48.02 15.79 -6.72
C GLY A 300 49.18 14.83 -6.89
N ASP A 301 49.49 14.13 -5.79
CA ASP A 301 50.65 13.25 -5.73
C ASP A 301 50.19 11.80 -5.89
N GLY A 302 50.47 11.21 -7.05
CA GLY A 302 50.35 9.77 -7.20
C GLY A 302 49.33 9.23 -8.18
N ALA A 303 49.81 8.80 -9.35
CA ALA A 303 49.07 7.93 -10.25
C ALA A 303 47.70 8.49 -10.65
N ASN A 304 47.64 9.80 -10.86
CA ASN A 304 46.43 10.39 -11.41
C ASN A 304 46.35 10.10 -12.91
N TYR A 305 45.25 9.48 -13.33
CA TYR A 305 45.04 9.09 -14.72
C TYR A 305 43.82 9.82 -15.26
N ALA A 306 44.00 10.53 -16.37
CA ALA A 306 42.93 11.22 -17.05
C ALA A 306 42.99 10.89 -18.53
N GLU A 307 41.84 10.52 -19.10
CA GLU A 307 41.73 10.23 -20.53
C GLU A 307 40.48 10.92 -21.06
N LEU A 308 40.65 11.71 -22.12
CA LEU A 308 39.54 12.43 -22.75
C LEU A 308 39.60 12.18 -24.26
N ASN A 309 38.65 11.38 -24.75
CA ASN A 309 38.56 11.05 -26.17
C ASN A 309 37.29 11.69 -26.73
N GLN A 310 37.45 12.43 -27.83
CA GLN A 310 36.33 13.13 -28.48
C GLN A 310 36.34 12.81 -29.96
N MET A 311 35.26 12.19 -30.45
CA MET A 311 35.12 11.88 -31.86
C MET A 311 33.93 12.64 -32.43
N GLY A 312 34.15 13.28 -33.57
CA GLY A 312 33.09 14.00 -34.26
C GLY A 312 33.25 15.50 -34.32
N LEU A 313 32.14 16.23 -34.10
CA LEU A 313 32.10 17.68 -34.30
C LEU A 313 31.68 18.36 -33.01
N MET A 314 32.45 19.38 -32.61
CA MET A 314 32.07 20.33 -31.56
C MET A 314 31.78 19.65 -30.23
N ASN A 315 32.58 18.65 -29.88
CA ASN A 315 32.46 18.03 -28.56
C ASN A 315 33.32 18.79 -27.56
N THR A 316 32.77 19.00 -26.36
CA THR A 316 33.42 19.79 -25.31
C THR A 316 33.65 18.90 -24.10
N GLY A 317 34.88 18.86 -23.61
CA GLY A 317 35.21 18.02 -22.48
C GLY A 317 36.14 18.67 -21.49
N SER A 318 35.84 18.53 -20.20
CA SER A 318 36.67 19.07 -19.13
C SER A 318 36.83 18.03 -18.04
N ILE A 319 38.07 17.77 -17.65
CA ILE A 319 38.39 16.83 -16.58
C ILE A 319 39.31 17.55 -15.60
N THR A 320 38.94 17.52 -14.31
CA THR A 320 39.73 18.11 -13.24
C THR A 320 39.93 17.06 -12.16
N GLN A 321 41.17 16.81 -11.79
CA GLN A 321 41.52 15.84 -10.77
C GLN A 321 42.40 16.51 -9.72
N ASP A 322 42.02 16.36 -8.45
CA ASP A 322 42.78 16.88 -7.33
C ASP A 322 42.91 15.79 -6.28
N GLY A 323 44.14 15.37 -6.01
CA GLY A 323 44.41 14.39 -4.98
C GLY A 323 45.19 13.22 -5.52
N MET A 324 44.97 12.06 -4.91
CA MET A 324 45.78 10.87 -5.13
C MET A 324 44.99 9.80 -5.88
N GLY A 325 45.59 9.26 -6.95
CA GLY A 325 45.08 8.07 -7.59
C GLY A 325 43.75 8.22 -8.28
N ASN A 326 43.34 9.44 -8.63
CA ASN A 326 42.07 9.65 -9.30
C ASN A 326 42.16 9.19 -10.75
N SER A 327 41.15 8.44 -11.18
CA SER A 327 41.09 7.91 -12.55
C SER A 327 39.80 8.38 -13.19
N ALA A 328 39.92 9.08 -14.31
CA ALA A 328 38.77 9.60 -15.05
C ALA A 328 38.94 9.25 -16.52
N ILE A 329 37.90 8.65 -17.10
CA ILE A 329 37.88 8.30 -18.52
C ILE A 329 36.58 8.84 -19.11
N THR A 330 36.70 9.76 -20.07
CA THR A 330 35.56 10.36 -20.74
C THR A 330 35.68 10.10 -22.24
N SER A 331 34.61 9.58 -22.83
CA SER A 331 34.55 9.29 -24.26
C SER A 331 33.28 9.91 -24.83
N GLN A 332 33.44 10.86 -25.74
CA GLN A 332 32.33 11.57 -26.36
C GLN A 332 32.25 11.18 -27.83
N GLY A 333 31.07 10.72 -28.25
CA GLY A 333 30.79 10.44 -29.65
C GLY A 333 29.58 11.24 -30.10
N GLY A 334 29.64 11.77 -31.31
CA GLY A 334 28.56 12.57 -31.85
C GLY A 334 28.89 14.04 -31.98
N SER A 335 27.84 14.85 -31.91
CA SER A 335 27.95 16.29 -32.12
C SER A 335 27.46 17.03 -30.88
N MET A 336 28.22 18.06 -30.48
CA MET A 336 27.81 19.00 -29.43
C MET A 336 27.65 18.33 -28.07
N ASN A 337 28.47 17.33 -27.78
CA ASN A 337 28.47 16.71 -26.46
C ASN A 337 29.30 17.53 -25.49
N MET A 338 28.78 17.69 -24.27
CA MET A 338 29.45 18.44 -23.22
C MET A 338 29.64 17.53 -22.01
N SER A 339 30.88 17.42 -21.53
CA SER A 339 31.20 16.59 -20.37
C SER A 339 32.06 17.38 -19.40
N THR A 340 31.72 17.31 -18.12
CA THR A 340 32.48 17.95 -17.05
C THR A 340 32.65 16.96 -15.91
N VAL A 341 33.90 16.65 -15.57
CA VAL A 341 34.23 15.71 -14.51
C VAL A 341 35.12 16.42 -13.52
N THR A 342 34.76 16.36 -12.23
CA THR A 342 35.55 16.93 -11.16
C THR A 342 35.72 15.89 -10.06
N GLN A 343 36.97 15.52 -9.78
CA GLN A 343 37.28 14.52 -8.76
C GLN A 343 38.23 15.12 -7.73
N SER A 344 37.91 14.91 -6.46
CA SER A 344 38.76 15.34 -5.35
C SER A 344 38.92 14.19 -4.35
N GLY A 345 40.14 14.00 -3.87
CA GLY A 345 40.40 12.99 -2.87
C GLY A 345 41.26 11.84 -3.39
N THR A 346 41.01 10.67 -2.84
CA THR A 346 41.80 9.48 -3.11
C THR A 346 40.92 8.37 -3.70
N GLY A 347 41.40 7.76 -4.78
CA GLY A 347 40.75 6.58 -5.31
C GLY A 347 39.45 6.80 -6.03
N ASN A 348 39.23 8.00 -6.57
CA ASN A 348 38.00 8.28 -7.29
C ASN A 348 38.08 7.72 -8.71
N ILE A 349 37.03 7.01 -9.12
CA ILE A 349 36.95 6.41 -10.44
C ILE A 349 35.71 6.97 -11.14
N SER A 350 35.90 7.57 -12.31
CA SER A 350 34.82 8.18 -13.07
C SER A 350 34.87 7.68 -14.51
N LEU A 351 33.73 7.20 -15.01
CA LEU A 351 33.60 6.76 -16.40
C LEU A 351 32.42 7.49 -17.02
N VAL A 352 32.69 8.30 -18.03
CA VAL A 352 31.66 9.06 -18.74
C VAL A 352 31.68 8.62 -20.19
N ASN A 353 30.54 8.15 -20.69
CA ASN A 353 30.36 7.81 -22.09
C ASN A 353 29.16 8.57 -22.63
N GLN A 354 29.41 9.46 -23.59
CA GLN A 354 28.35 10.25 -24.21
C GLN A 354 28.32 9.89 -25.69
N HIS A 355 27.55 8.87 -26.04
CA HIS A 355 27.39 8.49 -27.43
C HIS A 355 26.41 9.44 -28.12
N GLN B 1 26.85 8.40 -31.40
CA GLN B 1 25.80 8.47 -32.42
C GLN B 1 24.64 9.32 -31.92
N GLY B 2 24.65 9.61 -30.62
CA GLY B 2 23.65 10.48 -30.03
C GLY B 2 24.19 11.87 -29.83
N THR B 3 23.33 12.87 -30.05
CA THR B 3 23.74 14.27 -30.03
C THR B 3 23.41 14.89 -28.68
N THR B 4 24.36 15.66 -28.13
CA THR B 4 24.18 16.57 -27.01
C THR B 4 23.98 15.88 -25.67
N SER B 5 24.44 14.64 -25.50
CA SER B 5 24.36 13.98 -24.21
C SER B 5 25.29 14.65 -23.20
N SER B 6 24.86 14.69 -21.93
CA SER B 6 25.61 15.33 -20.87
C SER B 6 25.73 14.38 -19.68
N ALA B 7 26.96 14.23 -19.17
CA ALA B 7 27.23 13.39 -18.02
C ALA B 7 28.21 14.10 -17.10
N THR B 8 27.90 14.11 -15.80
CA THR B 8 28.73 14.77 -14.80
C THR B 8 28.94 13.84 -13.61
N THR B 9 30.18 13.73 -13.16
CA THR B 9 30.54 12.94 -11.98
C THR B 9 31.36 13.81 -11.03
N SER B 10 30.96 13.81 -9.76
CA SER B 10 31.66 14.55 -8.72
C SER B 10 31.81 13.65 -7.50
N GLN B 11 33.05 13.27 -7.20
CA GLN B 11 33.35 12.34 -6.12
C GLN B 11 34.32 12.98 -5.15
N THR B 12 33.93 13.06 -3.88
CA THR B 12 34.82 13.46 -2.80
C THR B 12 34.89 12.34 -1.78
N GLY B 13 36.12 11.96 -1.40
CA GLY B 13 36.30 10.90 -0.43
C GLY B 13 37.24 9.81 -0.88
N ASN B 14 37.08 8.61 -0.34
CA ASN B 14 37.98 7.49 -0.59
C ASN B 14 37.23 6.33 -1.23
N THR B 15 37.81 5.77 -2.30
CA THR B 15 37.33 4.55 -2.93
C THR B 15 35.90 4.67 -3.44
N ASN B 16 35.50 5.85 -3.89
CA ASN B 16 34.19 6.03 -4.48
C ASN B 16 34.20 5.61 -5.95
N THR B 17 33.14 4.93 -6.37
CA THR B 17 33.01 4.41 -7.73
C THR B 17 31.78 5.03 -8.39
N ALA B 18 31.96 5.63 -9.56
CA ALA B 18 30.88 6.21 -10.33
C ALA B 18 31.02 5.77 -11.79
N VAL B 19 29.97 5.15 -12.32
CA VAL B 19 29.94 4.68 -13.70
C VAL B 19 28.72 5.27 -14.38
N ILE B 20 28.92 5.92 -15.52
CA ILE B 20 27.84 6.47 -16.33
C ILE B 20 28.01 5.96 -17.75
N ASP B 21 26.96 5.30 -18.27
CA ASP B 21 26.96 4.74 -19.62
C ASP B 21 25.74 5.25 -20.34
N GLN B 22 25.94 6.18 -21.27
CA GLN B 22 24.86 6.73 -22.10
C GLN B 22 25.08 6.24 -23.53
N VAL B 23 24.30 5.25 -23.93
CA VAL B 23 24.40 4.65 -25.26
C VAL B 23 23.19 5.11 -26.06
N GLY B 24 23.44 5.94 -27.08
CA GLY B 24 22.38 6.44 -27.92
C GLY B 24 21.49 7.44 -27.22
N GLY B 25 20.67 8.15 -27.99
CA GLY B 25 19.72 9.09 -27.44
C GLY B 25 20.15 10.53 -27.66
N LEU B 26 19.16 11.43 -27.59
CA LEU B 26 19.36 12.85 -27.82
C LEU B 26 19.18 13.60 -26.51
N ASN B 27 20.21 14.33 -26.09
CA ASN B 27 20.15 15.26 -24.97
C ASN B 27 19.84 14.56 -23.66
N ASN B 28 20.47 13.40 -23.42
CA ASN B 28 20.33 12.73 -22.14
C ASN B 28 21.27 13.35 -21.11
N SER B 29 20.78 13.47 -19.87
CA SER B 29 21.52 14.11 -18.79
C SER B 29 21.66 13.14 -17.63
N ALA B 30 22.89 12.95 -17.17
CA ALA B 30 23.19 12.08 -16.03
C ALA B 30 24.14 12.81 -15.10
N GLU B 31 23.85 12.77 -13.80
CA GLU B 31 24.72 13.37 -12.78
C GLU B 31 24.85 12.43 -11.60
N ALA B 32 26.08 12.23 -11.15
CA ALA B 32 26.37 11.36 -10.01
C ALA B 32 27.33 12.07 -9.07
N SER B 33 26.88 12.35 -7.85
CA SER B 33 27.69 12.99 -6.83
C SER B 33 27.79 12.06 -5.63
N GLN B 34 29.00 11.80 -5.19
CA GLN B 34 29.27 10.90 -4.07
C GLN B 34 30.23 11.57 -3.10
N ALA B 35 29.74 11.86 -1.90
CA ALA B 35 30.56 12.39 -0.81
C ALA B 35 30.66 11.33 0.28
N GLY B 36 31.89 10.94 0.61
CA GLY B 36 32.07 9.89 1.59
C GLY B 36 33.00 8.80 1.10
N ASP B 37 32.87 7.60 1.67
CA ASP B 37 33.79 6.51 1.40
C ASP B 37 33.03 5.29 0.91
N GLY B 38 33.50 4.71 -0.20
CA GLY B 38 32.98 3.44 -0.68
C GLY B 38 31.65 3.52 -1.39
N ASN B 39 31.18 4.71 -1.73
CA ASN B 39 29.90 4.83 -2.40
C ASN B 39 29.99 4.34 -3.84
N VAL B 40 28.94 3.65 -4.30
CA VAL B 40 28.88 3.09 -5.63
C VAL B 40 27.66 3.68 -6.34
N ALA B 41 27.88 4.26 -7.51
CA ALA B 41 26.82 4.85 -8.32
C ALA B 41 26.93 4.32 -9.74
N THR B 42 25.82 3.80 -10.27
CA THR B 42 25.75 3.30 -11.64
C THR B 42 24.56 3.93 -12.34
N VAL B 43 24.80 4.52 -13.51
CA VAL B 43 23.76 5.12 -14.33
C VAL B 43 23.90 4.55 -15.74
N THR B 44 22.80 4.06 -16.30
CA THR B 44 22.79 3.52 -17.66
C THR B 44 21.57 4.03 -18.40
N GLN B 45 21.79 4.92 -19.37
CA GLN B 45 20.72 5.48 -20.19
C GLN B 45 20.91 5.01 -21.62
N ALA B 46 19.90 4.30 -22.14
CA ALA B 46 19.97 3.70 -23.47
C ALA B 46 18.77 4.14 -24.30
N GLU B 47 19.04 4.72 -25.48
CA GLU B 47 18.05 5.00 -26.52
C GLU B 47 16.98 6.00 -26.10
N GLY B 48 17.14 6.67 -24.95
CA GLY B 48 16.17 7.63 -24.50
C GLY B 48 16.51 9.05 -24.90
N MET B 49 15.48 9.89 -25.02
CA MET B 49 15.64 11.29 -25.39
C MET B 49 15.21 12.17 -24.22
N ASP B 50 16.06 13.13 -23.87
CA ASP B 50 15.79 14.11 -22.82
C ASP B 50 15.58 13.44 -21.45
N ASN B 51 16.23 12.30 -21.22
CA ASN B 51 16.12 11.63 -19.93
C ASN B 51 17.09 12.24 -18.93
N ALA B 52 16.63 12.38 -17.69
CA ALA B 52 17.42 13.00 -16.63
C ALA B 52 17.58 12.02 -15.47
N VAL B 53 18.82 11.84 -15.05
CA VAL B 53 19.14 10.98 -13.90
C VAL B 53 20.03 11.78 -12.96
N TYR B 54 19.68 11.78 -11.67
CA TYR B 54 20.47 12.44 -10.64
C TYR B 54 20.64 11.51 -9.47
N ILE B 55 21.88 11.28 -9.06
CA ILE B 55 22.22 10.46 -7.90
C ILE B 55 23.07 11.29 -6.96
N ASP B 56 22.69 11.34 -5.69
CA ASP B 56 23.43 12.04 -4.65
C ASP B 56 23.58 11.10 -3.46
N GLN B 57 24.81 10.68 -3.19
CA GLN B 57 25.11 9.74 -2.10
C GLN B 57 26.02 10.45 -1.10
N VAL B 58 25.68 10.32 0.18
CA VAL B 58 26.50 10.84 1.27
C VAL B 58 26.67 9.73 2.30
N GLY B 59 27.93 9.43 2.65
CA GLY B 59 28.20 8.45 3.68
C GLY B 59 29.14 7.32 3.28
N LEU B 60 28.91 6.14 3.84
CA LEU B 60 29.79 5.00 3.67
C LEU B 60 29.09 3.89 2.91
N THR B 61 29.70 3.45 1.81
CA THR B 61 29.30 2.26 1.07
C THR B 61 27.84 2.30 0.61
N ASN B 62 27.37 3.47 0.19
CA ASN B 62 26.03 3.57 -0.38
C ASN B 62 26.03 3.12 -1.83
N THR B 63 24.99 2.38 -2.22
CA THR B 63 24.87 1.80 -3.55
C THR B 63 23.61 2.32 -4.22
N ALA B 64 23.77 2.86 -5.43
CA ALA B 64 22.66 3.37 -6.22
C ALA B 64 22.82 2.91 -7.66
N THR B 65 21.76 2.38 -8.24
CA THR B 65 21.74 1.94 -9.64
C THR B 65 20.49 2.50 -10.32
N VAL B 66 20.69 3.15 -11.46
CA VAL B 66 19.60 3.70 -12.27
C VAL B 66 19.77 3.21 -13.70
N LEU B 67 18.70 2.63 -14.25
CA LEU B 67 18.68 2.12 -15.62
C LEU B 67 17.45 2.67 -16.33
N GLN B 68 17.67 3.54 -17.31
CA GLN B 68 16.60 4.11 -18.11
C GLN B 68 16.80 3.68 -19.56
N GLU B 69 15.96 2.75 -20.01
CA GLU B 69 16.03 2.21 -21.37
C GLU B 69 14.92 2.85 -22.21
N GLY B 70 15.28 3.84 -23.03
CA GLY B 70 14.32 4.49 -23.89
C GLY B 70 13.43 5.45 -23.12
N GLY B 71 12.45 5.99 -23.84
CA GLY B 71 11.48 6.89 -23.26
C GLY B 71 11.83 8.35 -23.47
N LEU B 72 10.82 9.20 -23.27
CA LEU B 72 10.94 10.64 -23.45
C LEU B 72 10.75 11.34 -22.11
N ASP B 73 11.73 12.16 -21.73
CA ASP B 73 11.63 13.06 -20.56
C ASP B 73 11.44 12.28 -19.26
N ASN B 74 12.12 11.14 -19.13
CA ASN B 74 12.07 10.38 -17.89
C ASN B 74 13.04 10.97 -16.86
N ASP B 75 12.56 11.11 -15.63
CA ASP B 75 13.32 11.72 -14.55
C ASP B 75 13.48 10.70 -13.42
N ALA B 76 14.73 10.48 -13.01
CA ALA B 76 15.06 9.60 -11.89
C ALA B 76 15.93 10.36 -10.91
N ASP B 77 15.58 10.29 -9.62
CA ASP B 77 16.32 10.97 -8.57
C ASP B 77 16.56 10.01 -7.41
N VAL B 78 17.81 9.92 -6.98
CA VAL B 78 18.20 9.09 -5.84
C VAL B 78 18.97 9.97 -4.88
N ASP B 79 18.56 9.95 -3.61
CA ASP B 79 19.22 10.71 -2.56
C ASP B 79 19.42 9.80 -1.35
N GLN B 80 20.66 9.40 -1.10
CA GLN B 80 21.00 8.53 0.01
C GLN B 80 21.89 9.30 0.98
N ASP B 81 21.51 9.28 2.26
CA ASP B 81 22.29 9.89 3.33
C ASP B 81 22.41 8.86 4.46
N GLY B 82 23.61 8.33 4.64
CA GLY B 82 23.82 7.31 5.64
C GLY B 82 24.78 6.26 5.14
N ASP B 83 24.62 5.05 5.65
CA ASP B 83 25.54 3.96 5.38
C ASP B 83 24.81 2.74 4.84
N LEU B 84 25.42 2.08 3.86
CA LEU B 84 24.98 0.78 3.35
C LEU B 84 23.57 0.84 2.75
N ASN B 85 23.16 2.00 2.24
CA ASN B 85 21.85 2.12 1.63
C ASN B 85 21.89 1.65 0.18
N VAL B 86 20.86 0.92 -0.23
CA VAL B 86 20.75 0.35 -1.56
C VAL B 86 19.53 0.95 -2.24
N ALA B 87 19.72 1.52 -3.43
CA ALA B 87 18.65 2.10 -4.21
C ALA B 87 18.73 1.60 -5.65
N TYR B 88 17.59 1.20 -6.20
CA TYR B 88 17.50 0.73 -7.57
C TYR B 88 16.32 1.42 -8.26
N ILE B 89 16.56 1.95 -9.46
CA ILE B 89 15.53 2.58 -10.27
C ILE B 89 15.63 2.01 -11.68
N TRP B 90 14.50 1.56 -12.22
CA TRP B 90 14.41 1.08 -13.59
C TRP B 90 13.23 1.79 -14.27
N GLN B 91 13.48 2.35 -15.44
CA GLN B 91 12.44 3.00 -16.25
C GLN B 91 12.58 2.53 -17.68
N ASN B 92 11.59 1.77 -18.16
CA ASN B 92 11.64 1.19 -19.51
C ASN B 92 10.49 1.73 -20.33
N LEU B 93 10.81 2.41 -21.44
CA LEU B 93 9.86 2.81 -22.47
C LEU B 93 8.74 3.71 -21.95
N GLY B 94 9.00 4.50 -20.91
CA GLY B 94 8.00 5.39 -20.37
C GLY B 94 8.23 6.84 -20.77
N GLU B 95 7.14 7.59 -20.85
CA GLU B 95 7.17 9.01 -21.19
C GLU B 95 6.81 9.82 -19.95
N ASP B 96 7.66 10.79 -19.61
CA ASP B 96 7.41 11.73 -18.51
C ASP B 96 7.26 11.03 -17.18
N ASN B 97 7.92 9.89 -16.99
CA ASN B 97 7.85 9.16 -15.73
C ASN B 97 8.82 9.77 -14.72
N ASP B 98 8.35 9.92 -13.48
CA ASP B 98 9.15 10.50 -12.41
C ASP B 98 9.33 9.46 -11.31
N ALA B 99 10.58 9.19 -10.96
CA ALA B 99 10.91 8.26 -9.89
C ALA B 99 11.80 8.97 -8.88
N ASP B 100 11.46 8.87 -7.60
CA ASP B 100 12.22 9.52 -6.53
C ASP B 100 12.44 8.54 -5.40
N ILE B 101 13.69 8.41 -4.97
CA ILE B 101 14.07 7.59 -3.82
C ILE B 101 14.86 8.47 -2.87
N ASP B 102 14.45 8.48 -1.61
CA ASP B 102 15.13 9.25 -0.57
C ASP B 102 15.31 8.34 0.64
N GLN B 103 16.54 7.91 0.88
CA GLN B 103 16.88 7.02 1.98
C GLN B 103 17.80 7.74 2.95
N ASP B 104 17.43 7.74 4.23
CA ASP B 104 18.26 8.29 5.30
C ASP B 104 18.41 7.24 6.37
N GLY B 105 19.65 6.79 6.61
CA GLY B 105 19.91 5.84 7.67
C GLY B 105 20.86 4.74 7.23
N THR B 106 20.59 3.53 7.72
CA THR B 106 21.49 2.41 7.54
C THR B 106 20.75 1.23 6.90
N LEU B 107 21.40 0.60 5.91
CA LEU B 107 20.97 -0.67 5.35
C LEU B 107 19.57 -0.60 4.73
N ASN B 108 19.17 0.58 4.25
CA ASN B 108 17.86 0.72 3.63
C ASN B 108 17.90 0.25 2.18
N ASP B 109 16.87 -0.50 1.79
CA ASP B 109 16.75 -1.02 0.43
C ASP B 109 15.48 -0.47 -0.19
N ALA B 110 15.63 0.22 -1.32
CA ALA B 110 14.50 0.79 -2.05
C ALA B 110 14.60 0.42 -3.53
N ALA B 111 13.47 0.06 -4.12
CA ALA B 111 13.43 -0.31 -5.53
C ALA B 111 12.21 0.32 -6.18
N ILE B 112 12.41 0.93 -7.35
CA ILE B 112 11.33 1.52 -8.14
C ILE B 112 11.46 0.99 -9.56
N GLU B 113 10.37 0.45 -10.09
CA GLU B 113 10.31 -0.10 -11.44
C GLU B 113 9.13 0.52 -12.15
N GLN B 114 9.37 1.11 -13.33
CA GLN B 114 8.31 1.71 -14.14
C GLN B 114 8.48 1.20 -15.57
N ASP B 115 7.64 0.24 -15.94
CA ASP B 115 7.66 -0.37 -17.27
C ASP B 115 6.58 0.30 -18.11
N GLY B 116 6.97 1.27 -18.93
CA GLY B 116 6.02 1.96 -19.79
C GLY B 116 5.16 2.95 -19.02
N GLY B 117 4.18 3.48 -19.74
CA GLY B 117 3.23 4.43 -19.16
C GLY B 117 3.66 5.87 -19.34
N GLU B 118 2.70 6.76 -19.10
CA GLU B 118 2.91 8.20 -19.24
C GLU B 118 2.56 8.88 -17.93
N ASP B 119 3.44 9.78 -17.48
CA ASP B 119 3.21 10.62 -16.30
C ASP B 119 3.05 9.81 -15.02
N ASN B 120 3.72 8.68 -14.92
CA ASN B 120 3.68 7.88 -13.71
C ASN B 120 4.66 8.43 -12.68
N ASP B 121 4.18 8.60 -11.45
CA ASP B 121 4.97 9.18 -10.37
C ASP B 121 5.14 8.13 -9.26
N ALA B 122 6.39 7.86 -8.91
CA ALA B 122 6.73 6.94 -7.83
C ALA B 122 7.66 7.64 -6.85
N ASP B 123 7.33 7.56 -5.56
CA ASP B 123 8.12 8.20 -4.52
C ASP B 123 8.30 7.24 -3.36
N ILE B 124 9.55 7.05 -2.92
CA ILE B 124 9.88 6.24 -1.77
C ILE B 124 10.71 7.10 -0.82
N ASP B 125 10.31 7.14 0.44
CA ASP B 125 11.03 7.87 1.49
C ASP B 125 11.21 6.94 2.69
N GLN B 126 12.45 6.55 2.95
CA GLN B 126 12.78 5.65 4.05
C GLN B 126 13.70 6.37 5.02
N ASP B 127 13.36 6.29 6.31
CA ASP B 127 14.19 6.82 7.38
C ASP B 127 14.36 5.73 8.43
N GLY B 128 15.60 5.37 8.73
CA GLY B 128 15.85 4.37 9.74
C GLY B 128 16.84 3.29 9.35
N SER B 129 16.58 2.07 9.80
CA SER B 129 17.51 0.95 9.62
C SER B 129 16.82 -0.23 8.98
N GLU B 130 17.42 -0.76 7.91
CA GLU B 130 17.03 -2.02 7.29
C GLU B 130 15.59 -2.03 6.80
N ASN B 131 15.11 -0.90 6.29
CA ASN B 131 13.77 -0.84 5.72
C ASN B 131 13.79 -1.23 4.24
N ALA B 132 12.81 -2.02 3.83
CA ALA B 132 12.70 -2.50 2.46
C ALA B 132 11.44 -1.93 1.84
N ALA B 133 11.57 -1.31 0.67
CA ALA B 133 10.44 -0.72 -0.04
C ALA B 133 10.54 -1.06 -1.52
N TYR B 134 9.41 -1.43 -2.11
CA TYR B 134 9.33 -1.73 -3.54
C TYR B 134 8.11 -1.04 -4.13
N VAL B 135 8.30 -0.37 -5.26
CA VAL B 135 7.23 0.25 -6.03
C VAL B 135 7.33 -0.25 -7.46
N GLY B 136 6.23 -0.78 -7.98
CA GLY B 136 6.16 -1.24 -9.36
C GLY B 136 4.98 -0.65 -10.10
N GLN B 137 5.22 -0.12 -11.29
CA GLN B 137 4.17 0.48 -12.12
C GLN B 137 4.35 -0.03 -13.54
N THR B 138 3.46 -0.92 -13.97
CA THR B 138 3.49 -1.49 -15.32
C THR B 138 2.33 -0.88 -16.11
N GLY B 139 2.64 0.01 -17.04
CA GLY B 139 1.64 0.65 -17.85
C GLY B 139 0.81 1.66 -17.09
N GLY B 140 -0.17 2.27 -17.75
CA GLY B 140 -1.07 3.20 -17.11
C GLY B 140 -0.61 4.64 -17.25
N GLU B 141 -1.55 5.55 -17.02
CA GLU B 141 -1.32 6.98 -17.14
C GLU B 141 -1.66 7.66 -15.82
N ASP B 142 -0.78 8.56 -15.37
CA ASP B 142 -1.02 9.39 -14.19
C ASP B 142 -1.18 8.56 -12.92
N ASN B 143 -0.46 7.46 -12.82
CA ASN B 143 -0.48 6.63 -11.61
C ASN B 143 0.50 7.19 -10.59
N ASP B 144 0.04 7.28 -9.34
CA ASP B 144 0.81 7.86 -8.26
C ASP B 144 1.01 6.82 -7.15
N ALA B 145 2.26 6.56 -6.80
CA ALA B 145 2.61 5.65 -5.73
C ALA B 145 3.52 6.36 -4.74
N ASP B 146 3.21 6.27 -3.45
CA ASP B 146 3.99 6.91 -2.41
C ASP B 146 4.18 5.95 -1.25
N ILE B 147 5.43 5.79 -0.82
CA ILE B 147 5.79 4.95 0.32
C ILE B 147 6.59 5.81 1.28
N ASP B 148 6.21 5.78 2.56
CA ASP B 148 6.92 6.49 3.63
C ASP B 148 7.12 5.53 4.79
N GLN B 149 8.36 5.14 5.03
CA GLN B 149 8.72 4.20 6.08
C GLN B 149 9.65 4.88 7.07
N ASP B 150 9.33 4.76 8.37
CA ASP B 150 10.19 5.24 9.44
C ASP B 150 10.35 4.12 10.47
N GLY B 151 11.59 3.72 10.72
CA GLY B 151 11.85 2.75 11.76
C GLY B 151 12.78 1.65 11.30
N THR B 152 12.49 0.43 11.77
CA THR B 152 13.36 -0.72 11.58
C THR B 152 12.58 -1.87 10.95
N PHE B 153 13.22 -2.55 9.99
CA PHE B 153 12.72 -3.82 9.44
C PHE B 153 11.34 -3.69 8.79
N ASN B 154 11.00 -2.51 8.28
CA ASN B 154 9.69 -2.30 7.69
C ASN B 154 9.71 -2.72 6.23
N ASN B 155 8.68 -3.47 5.82
CA ASN B 155 8.54 -3.97 4.46
C ASN B 155 7.32 -3.31 3.82
N ALA B 156 7.53 -2.67 2.67
CA ALA B 156 6.46 -2.01 1.95
C ALA B 156 6.48 -2.45 0.49
N TYR B 157 5.32 -2.79 -0.04
CA TYR B 157 5.17 -3.19 -1.43
C TYR B 157 3.99 -2.43 -2.03
N ILE B 158 4.22 -1.81 -3.19
CA ILE B 158 3.16 -1.15 -3.94
C ILE B 158 3.24 -1.62 -5.39
N GLY B 159 2.13 -2.11 -5.92
CA GLY B 159 2.08 -2.54 -7.30
C GLY B 159 0.88 -1.95 -8.03
N GLN B 160 1.12 -1.40 -9.22
CA GLN B 160 0.06 -0.82 -10.05
C GLN B 160 0.25 -1.32 -11.47
N PHE B 161 -0.62 -2.23 -11.89
CA PHE B 161 -0.57 -2.82 -13.22
C PHE B 161 -1.73 -2.25 -14.04
N GLY B 162 -1.43 -1.23 -14.84
CA GLY B 162 -2.43 -0.59 -15.67
C GLY B 162 -3.32 0.36 -14.88
N GLY B 163 -4.23 0.99 -15.60
CA GLY B 163 -5.19 1.91 -15.01
C GLY B 163 -4.75 3.35 -15.08
N GLU B 164 -5.72 4.24 -14.92
CA GLU B 164 -5.50 5.69 -15.02
C GLU B 164 -5.86 6.32 -13.68
N ASP B 165 -4.98 7.21 -13.20
CA ASP B 165 -5.22 8.01 -12.00
C ASP B 165 -5.37 7.17 -10.74
N ASN B 166 -4.64 6.05 -10.66
CA ASN B 166 -4.65 5.21 -9.47
C ASN B 166 -3.66 5.76 -8.45
N GLU B 167 -4.10 5.89 -7.20
CA GLU B 167 -3.30 6.47 -6.14
C GLU B 167 -3.10 5.44 -5.03
N ALA B 168 -1.84 5.21 -4.67
CA ALA B 168 -1.47 4.30 -3.60
C ALA B 168 -0.60 5.05 -2.60
N ASP B 169 -0.97 5.01 -1.32
CA ASP B 169 -0.24 5.67 -0.25
C ASP B 169 0.01 4.67 0.87
N LEU B 170 1.27 4.54 1.26
CA LEU B 170 1.70 3.61 2.29
C LEU B 170 2.51 4.36 3.32
N ASP B 171 2.16 4.22 4.60
CA ASP B 171 2.88 4.85 5.69
C ASP B 171 3.09 3.82 6.79
N GLN B 172 4.36 3.61 7.16
CA GLN B 172 4.73 2.68 8.21
C GLN B 172 5.63 3.39 9.21
N ASP B 173 5.31 3.25 10.50
CA ASP B 173 6.13 3.78 11.58
C ASP B 173 6.31 2.70 12.64
N GLY B 174 7.54 2.24 12.82
CA GLY B 174 7.81 1.27 13.87
C GLY B 174 8.74 0.18 13.40
N ASP B 175 8.48 -1.03 13.89
CA ASP B 175 9.38 -2.16 13.74
C ASP B 175 8.66 -3.32 13.04
N ALA B 176 9.31 -3.88 12.02
CA ALA B 176 8.92 -5.15 11.41
C ALA B 176 7.50 -5.12 10.84
N ASN B 177 7.06 -3.98 10.33
CA ASN B 177 5.73 -3.85 9.77
C ASN B 177 5.74 -4.21 8.29
N TYR B 178 4.73 -4.98 7.86
CA TYR B 178 4.58 -5.38 6.47
C TYR B 178 3.30 -4.77 5.92
N ALA B 179 3.42 -4.06 4.81
CA ALA B 179 2.28 -3.45 4.13
C ALA B 179 2.37 -3.72 2.64
N ALA B 180 1.26 -4.08 2.02
CA ALA B 180 1.20 -4.39 0.60
C ALA B 180 -0.05 -3.79 -0.01
N ILE B 181 0.13 -3.11 -1.15
CA ILE B 181 -0.97 -2.52 -1.91
C ILE B 181 -0.85 -3.03 -3.34
N LEU B 182 -1.95 -3.53 -3.88
CA LEU B 182 -1.99 -4.03 -5.26
C LEU B 182 -3.20 -3.41 -5.97
N GLN B 183 -2.97 -2.86 -7.16
CA GLN B 183 -4.02 -2.27 -7.98
C GLN B 183 -3.84 -2.77 -9.41
N ASP B 184 -4.68 -3.70 -9.83
CA ASP B 184 -4.62 -4.28 -11.17
C ASP B 184 -5.77 -3.68 -11.98
N GLY B 185 -5.45 -2.65 -12.76
CA GLY B 185 -6.44 -2.00 -13.60
C GLY B 185 -7.36 -1.09 -12.82
N GLY B 186 -8.26 -0.45 -13.56
CA GLY B 186 -9.25 0.43 -12.97
C GLY B 186 -8.82 1.89 -12.97
N GLU B 187 -9.80 2.77 -12.84
CA GLU B 187 -9.59 4.21 -12.89
C GLU B 187 -9.95 4.83 -11.55
N ASP B 188 -9.10 5.74 -11.08
CA ASP B 188 -9.35 6.54 -9.88
C ASP B 188 -9.45 5.69 -8.62
N ASN B 189 -8.65 4.63 -8.53
CA ASN B 189 -8.62 3.81 -7.33
C ASN B 189 -7.68 4.42 -6.29
N ASP B 190 -8.15 4.49 -5.05
CA ASP B 190 -7.40 5.10 -3.95
C ASP B 190 -7.20 4.04 -2.87
N ALA B 191 -5.94 3.76 -2.54
CA ALA B 191 -5.58 2.84 -1.48
C ALA B 191 -4.67 3.56 -0.50
N ASP B 192 -4.97 3.43 0.80
CA ASP B 192 -4.19 4.07 1.86
C ASP B 192 -3.98 3.06 2.98
N ILE B 193 -2.73 2.89 3.37
CA ILE B 193 -2.35 2.02 4.49
C ILE B 193 -1.53 2.85 5.46
N ASP B 194 -1.88 2.77 6.74
CA ASP B 194 -1.16 3.45 7.81
C ASP B 194 -0.96 2.46 8.96
N GLN B 195 0.29 2.15 9.27
CA GLN B 195 0.64 1.20 10.32
C GLN B 195 1.55 1.90 11.32
N ASP B 196 1.22 1.78 12.60
CA ASP B 196 2.06 2.27 13.69
C ASP B 196 2.24 1.15 14.71
N GLY B 197 3.48 0.72 14.91
CA GLY B 197 3.75 -0.27 15.94
C GLY B 197 4.71 -1.33 15.46
N THR B 198 4.47 -2.56 15.91
CA THR B 198 5.39 -3.67 15.71
C THR B 198 4.69 -4.84 15.03
N ASN B 199 5.30 -5.38 13.97
CA ASN B 199 4.90 -6.65 13.37
C ASN B 199 3.46 -6.62 12.86
N ASN B 200 3.05 -5.49 12.27
CA ASN B 200 1.71 -5.35 11.72
C ASN B 200 1.70 -5.78 10.26
N TRP B 201 0.67 -6.55 9.89
CA TRP B 201 0.51 -7.06 8.53
C TRP B 201 -0.73 -6.42 7.92
N ALA B 202 -0.56 -5.77 6.77
CA ALA B 202 -1.67 -5.15 6.05
C ALA B 202 -1.54 -5.47 4.57
N GLU B 203 -2.64 -5.89 3.95
CA GLU B 203 -2.66 -6.18 2.53
C GLU B 203 -3.96 -5.67 1.92
N THR B 204 -3.86 -4.91 0.83
CA THR B 204 -5.00 -4.37 0.12
C THR B 204 -4.88 -4.73 -1.35
N ASN B 205 -5.99 -5.16 -1.95
CA ASN B 205 -6.03 -5.54 -3.36
C ASN B 205 -7.26 -4.92 -4.01
N GLN B 206 -7.06 -4.25 -5.14
CA GLN B 206 -8.13 -3.68 -5.95
C GLN B 206 -7.94 -4.15 -7.38
N ILE B 207 -8.86 -4.99 -7.86
CA ILE B 207 -8.74 -5.61 -9.17
C ILE B 207 -9.89 -5.11 -10.05
N GLN B 208 -9.54 -4.37 -11.11
CA GLN B 208 -10.47 -3.97 -12.16
C GLN B 208 -11.67 -3.21 -11.60
N GLY B 209 -11.43 -2.34 -10.63
CA GLY B 209 -12.47 -1.54 -10.03
C GLY B 209 -12.26 -0.07 -10.31
N ASN B 210 -13.35 0.67 -10.41
CA ASN B 210 -13.32 2.11 -10.65
C ASN B 210 -13.78 2.85 -9.40
N ASP B 211 -13.03 3.89 -9.03
CA ASP B 211 -13.39 4.77 -7.91
C ASP B 211 -13.45 4.03 -6.59
N ASN B 212 -12.71 2.94 -6.45
CA ASN B 212 -12.70 2.18 -5.20
C ASN B 212 -11.77 2.84 -4.19
N ASP B 213 -12.20 2.85 -2.93
CA ASP B 213 -11.45 3.47 -1.85
C ASP B 213 -11.22 2.45 -0.75
N VAL B 214 -9.95 2.25 -0.38
CA VAL B 214 -9.57 1.35 0.69
C VAL B 214 -8.70 2.12 1.68
N GLU B 215 -9.04 2.02 2.97
CA GLU B 215 -8.28 2.67 4.03
C GLU B 215 -8.05 1.66 5.15
N VAL B 216 -6.78 1.46 5.50
CA VAL B 216 -6.40 0.56 6.59
C VAL B 216 -5.58 1.35 7.59
N ASP B 217 -5.95 1.26 8.86
CA ASP B 217 -5.23 1.92 9.95
C ASP B 217 -5.02 0.90 11.06
N GLN B 218 -3.76 0.61 11.37
CA GLN B 218 -3.39 -0.36 12.39
C GLN B 218 -2.49 0.32 13.42
N ASP B 219 -2.82 0.17 14.69
CA ASP B 219 -1.98 0.65 15.79
C ASP B 219 -1.78 -0.49 16.78
N GLY B 220 -0.52 -0.83 17.05
CA GLY B 220 -0.23 -1.84 18.05
C GLY B 220 0.70 -2.90 17.52
N SER B 221 0.44 -4.14 17.91
CA SER B 221 1.32 -5.27 17.62
C SER B 221 0.54 -6.42 17.00
N ASP B 222 1.14 -7.06 15.99
CA ASP B 222 0.66 -8.32 15.43
C ASP B 222 -0.74 -8.21 14.84
N ASN B 223 -1.13 -7.04 14.35
CA ASN B 223 -2.44 -6.88 13.74
C ASN B 223 -2.39 -7.26 12.27
N ILE B 224 -3.39 -8.01 11.84
CA ILE B 224 -3.48 -8.51 10.47
C ILE B 224 -4.76 -7.95 9.84
N ALA B 225 -4.60 -7.29 8.70
CA ALA B 225 -5.72 -6.74 7.95
C ALA B 225 -5.59 -7.12 6.48
N GLU B 226 -6.66 -7.65 5.90
CA GLU B 226 -6.69 -8.02 4.49
C GLU B 226 -7.95 -7.46 3.87
N VAL B 227 -7.80 -6.77 2.74
CA VAL B 227 -8.91 -6.15 2.03
C VAL B 227 -8.82 -6.55 0.57
N TRP B 228 -9.94 -7.03 0.01
CA TRP B 228 -10.04 -7.37 -1.41
C TRP B 228 -11.26 -6.67 -1.98
N GLN B 229 -11.08 -5.97 -3.09
CA GLN B 229 -12.17 -5.36 -3.84
C GLN B 229 -12.00 -5.71 -5.31
N MET B 230 -12.94 -6.48 -5.85
CA MET B 230 -12.84 -6.98 -7.22
C MET B 230 -14.05 -6.54 -8.02
N HIS B 231 -13.80 -5.89 -9.16
CA HIS B 231 -14.81 -5.55 -10.15
C HIS B 231 -15.94 -4.68 -9.59
N GLY B 232 -15.64 -3.79 -8.65
CA GLY B 232 -16.66 -2.94 -8.09
C GLY B 232 -16.43 -1.46 -8.34
N GLU B 233 -17.51 -0.69 -8.35
CA GLU B 233 -17.44 0.76 -8.55
C GLU B 233 -17.87 1.46 -7.27
N ASP B 234 -17.08 2.46 -6.85
CA ASP B 234 -17.40 3.31 -5.71
C ASP B 234 -17.52 2.51 -4.41
N ASN B 235 -16.79 1.40 -4.30
CA ASN B 235 -16.81 0.61 -3.08
C ASN B 235 -15.81 1.17 -2.07
N GLU B 236 -16.23 1.25 -0.82
CA GLU B 236 -15.41 1.80 0.25
C GLU B 236 -15.19 0.73 1.31
N ALA B 237 -13.93 0.51 1.67
CA ALA B 237 -13.54 -0.43 2.71
C ALA B 237 -12.69 0.32 3.74
N ASN B 238 -13.04 0.18 5.02
CA ASN B 238 -12.32 0.82 6.10
C ASN B 238 -12.01 -0.21 7.18
N VAL B 239 -10.75 -0.27 7.59
CA VAL B 239 -10.30 -1.16 8.65
C VAL B 239 -9.56 -0.31 9.67
N ASP B 240 -9.95 -0.45 10.94
CA ASP B 240 -9.30 0.25 12.05
C ASP B 240 -9.05 -0.77 13.16
N GLN B 241 -7.79 -1.04 13.46
CA GLN B 241 -7.42 -2.00 14.48
C GLN B 241 -6.52 -1.31 15.50
N ASP B 242 -6.86 -1.46 16.78
CA ASP B 242 -6.05 -0.95 17.89
C ASP B 242 -5.83 -2.08 18.88
N GLY B 243 -4.57 -2.50 19.05
CA GLY B 243 -4.26 -3.49 20.04
C GLY B 243 -3.34 -4.57 19.50
N ASP B 244 -3.61 -5.80 19.91
CA ASP B 244 -2.74 -6.94 19.64
C ASP B 244 -3.51 -8.06 18.97
N LEU B 245 -2.89 -8.73 18.00
CA LEU B 245 -3.38 -9.99 17.43
C LEU B 245 -4.75 -9.86 16.80
N ASN B 246 -5.12 -8.67 16.33
CA ASN B 246 -6.42 -8.47 15.72
C ASN B 246 -6.38 -8.86 14.25
N ASN B 247 -7.38 -9.62 13.82
CA ASN B 247 -7.49 -10.10 12.44
C ASN B 247 -8.76 -9.56 11.82
N ALA B 248 -8.62 -8.87 10.69
CA ALA B 248 -9.73 -8.31 9.93
C ALA B 248 -9.62 -8.73 8.48
N TYR B 249 -10.73 -9.21 7.92
CA TYR B 249 -10.80 -9.61 6.52
C TYR B 249 -12.04 -8.99 5.89
N ILE B 250 -11.86 -8.31 4.76
CA ILE B 250 -12.95 -7.68 4.03
C ILE B 250 -12.86 -8.13 2.57
N LEU B 251 -13.97 -8.61 2.03
CA LEU B 251 -14.07 -9.03 0.63
C LEU B 251 -15.30 -8.36 0.02
N GLN B 252 -15.09 -7.64 -1.08
CA GLN B 252 -16.18 -7.00 -1.82
C GLN B 252 -16.03 -7.36 -3.29
N GLU B 253 -16.88 -8.28 -3.76
CA GLU B 253 -16.83 -8.76 -5.13
C GLU B 253 -17.98 -8.13 -5.91
N GLY B 254 -17.66 -7.14 -6.75
CA GLY B 254 -18.67 -6.46 -7.53
C GLY B 254 -19.51 -5.52 -6.68
N GLY B 255 -20.46 -4.87 -7.34
CA GLY B 255 -21.39 -3.98 -6.67
C GLY B 255 -20.98 -2.52 -6.78
N MET B 256 -21.93 -1.65 -6.50
CA MET B 256 -21.74 -0.20 -6.55
C MET B 256 -22.12 0.41 -5.22
N ASN B 257 -21.25 1.28 -4.70
CA ASN B 257 -21.51 2.03 -3.46
C ASN B 257 -21.64 1.10 -2.26
N ASN B 258 -20.88 0.02 -2.22
CA ASN B 258 -20.88 -0.88 -1.08
C ASN B 258 -19.86 -0.41 -0.04
N LEU B 259 -20.29 -0.36 1.22
CA LEU B 259 -19.49 0.15 2.31
C LEU B 259 -19.25 -0.96 3.33
N ALA B 260 -17.97 -1.19 3.65
CA ALA B 260 -17.58 -2.15 4.69
C ALA B 260 -16.72 -1.42 5.71
N ASP B 261 -17.04 -1.59 7.00
CA ASP B 261 -16.30 -0.95 8.08
C ASP B 261 -16.03 -1.99 9.16
N VAL B 262 -14.75 -2.12 9.53
CA VAL B 262 -14.32 -2.99 10.62
C VAL B 262 -13.58 -2.13 11.64
N HIS B 263 -14.01 -2.22 12.89
CA HIS B 263 -13.37 -1.52 14.01
C HIS B 263 -13.12 -2.53 15.11
N GLN B 264 -11.85 -2.70 15.48
CA GLN B 264 -11.46 -3.66 16.51
C GLN B 264 -10.57 -2.97 17.53
N ASN B 265 -10.91 -3.12 18.81
CA ASN B 265 -10.05 -2.68 19.91
C ASN B 265 -9.86 -3.87 20.86
N GLY B 266 -8.60 -4.22 21.11
CA GLY B 266 -8.29 -5.24 22.09
C GLY B 266 -7.30 -6.25 21.57
N VAL B 267 -7.46 -7.49 22.04
CA VAL B 267 -6.52 -8.58 21.76
C VAL B 267 -7.28 -9.74 21.13
N SER B 268 -6.76 -10.24 20.01
CA SER B 268 -7.20 -11.50 19.41
C SER B 268 -8.64 -11.43 18.90
N ASN B 269 -9.03 -10.29 18.33
CA ASN B 269 -10.36 -10.13 17.77
C ASN B 269 -10.36 -10.50 16.29
N THR B 270 -11.39 -11.23 15.87
CA THR B 270 -11.51 -11.71 14.49
C THR B 270 -12.78 -11.15 13.88
N ALA B 271 -12.64 -10.49 12.73
CA ALA B 271 -13.77 -9.91 12.00
C ALA B 271 -13.67 -10.28 10.53
N GLU B 272 -14.77 -10.72 9.95
CA GLU B 272 -14.85 -11.08 8.54
C GLU B 272 -16.10 -10.45 7.93
N ILE B 273 -15.93 -9.78 6.79
CA ILE B 273 -17.02 -9.16 6.06
C ILE B 273 -16.94 -9.62 4.62
N TYR B 274 -18.06 -10.12 4.10
CA TYR B 274 -18.18 -10.57 2.72
C TYR B 274 -19.38 -9.87 2.08
N GLN B 275 -19.15 -9.23 0.95
CA GLN B 275 -20.21 -8.58 0.18
C GLN B 275 -20.10 -9.05 -1.26
N TYR B 276 -21.17 -9.65 -1.79
CA TYR B 276 -21.18 -10.17 -3.15
C TYR B 276 -22.18 -9.35 -3.96
N GLY B 277 -21.68 -8.34 -4.67
CA GLY B 277 -22.51 -7.49 -5.49
C GLY B 277 -23.46 -6.63 -4.68
N GLY B 278 -24.38 -5.95 -5.37
CA GLY B 278 -25.40 -5.16 -4.73
C GLY B 278 -25.06 -3.68 -4.70
N MET B 279 -26.09 -2.88 -4.47
CA MET B 279 -25.97 -1.42 -4.43
C MET B 279 -26.31 -0.93 -3.03
N ASP B 280 -25.44 -0.07 -2.48
CA ASP B 280 -25.68 0.62 -1.22
C ASP B 280 -25.72 -0.35 -0.03
N ASN B 281 -25.04 -1.49 -0.15
CA ASN B 281 -24.93 -2.41 0.97
C ASN B 281 -23.95 -1.84 2.00
N GLU B 282 -24.34 -1.87 3.26
CA GLU B 282 -23.53 -1.33 4.35
C GLU B 282 -23.32 -2.41 5.40
N ALA B 283 -22.06 -2.61 5.79
CA ALA B 283 -21.69 -3.57 6.82
C ALA B 283 -20.79 -2.88 7.84
N TYR B 284 -21.14 -3.02 9.12
CA TYR B 284 -20.35 -2.49 10.23
C TYR B 284 -20.09 -3.61 11.22
N LEU B 285 -18.81 -3.79 11.59
CA LEU B 285 -18.41 -4.81 12.55
C LEU B 285 -17.51 -4.16 13.58
N ILE B 286 -18.03 -4.01 14.80
CA ILE B 286 -17.31 -3.36 15.91
C ILE B 286 -17.08 -4.41 16.99
N GLN B 287 -15.83 -4.55 17.42
CA GLN B 287 -15.46 -5.51 18.46
C GLN B 287 -14.57 -4.81 19.48
N ASP B 288 -15.13 -4.52 20.66
CA ASP B 288 -14.39 -3.91 21.76
C ASP B 288 -14.22 -4.95 22.85
N GLY B 289 -12.99 -5.42 23.05
CA GLY B 289 -12.73 -6.47 24.01
C GLY B 289 -11.75 -7.47 23.45
N ASP B 290 -11.80 -8.68 23.99
CA ASP B 290 -10.84 -9.73 23.66
C ASP B 290 -11.53 -10.96 23.10
N MET B 291 -10.88 -11.60 22.12
CA MET B 291 -11.28 -12.89 21.57
C MET B 291 -12.67 -12.86 20.94
N HIS B 292 -13.01 -11.76 20.27
CA HIS B 292 -14.30 -11.66 19.61
C HIS B 292 -14.23 -12.27 18.21
N THR B 293 -15.34 -12.91 17.80
CA THR B 293 -15.48 -13.49 16.48
C THR B 293 -16.74 -12.93 15.83
N GLY B 294 -16.58 -12.31 14.67
CA GLY B 294 -17.71 -11.74 13.96
C GLY B 294 -17.65 -12.03 12.48
N VAL B 295 -18.79 -12.44 11.92
CA VAL B 295 -18.91 -12.76 10.50
C VAL B 295 -20.16 -12.06 9.96
N ILE B 296 -19.98 -11.32 8.86
CA ILE B 296 -21.07 -10.64 8.17
C ILE B 296 -21.01 -11.04 6.70
N THR B 297 -22.15 -11.46 6.15
CA THR B 297 -22.26 -11.84 4.75
C THR B 297 -23.48 -11.17 4.14
N GLN B 298 -23.28 -10.52 3.00
CA GLN B 298 -24.36 -9.80 2.30
C GLN B 298 -24.36 -10.20 0.83
N SER B 299 -25.53 -10.58 0.33
CA SER B 299 -25.74 -10.88 -1.08
C SER B 299 -27.13 -10.39 -1.48
N GLY B 300 -27.19 -9.35 -2.28
CA GLY B 300 -28.46 -8.82 -2.73
C GLY B 300 -28.34 -7.38 -3.21
N ASP B 301 -29.34 -6.94 -3.95
CA ASP B 301 -29.34 -5.63 -4.58
C ASP B 301 -30.21 -4.68 -3.77
N GLY B 302 -29.56 -3.74 -3.06
CA GLY B 302 -30.28 -2.61 -2.50
C GLY B 302 -30.32 -2.47 -1.00
N ALA B 303 -29.49 -1.55 -0.47
CA ALA B 303 -29.64 -1.01 0.88
C ALA B 303 -29.67 -2.09 1.97
N ASN B 304 -28.86 -3.12 1.79
CA ASN B 304 -28.69 -4.09 2.87
C ASN B 304 -27.81 -3.51 3.96
N TYR B 305 -28.33 -3.49 5.19
CA TYR B 305 -27.63 -2.91 6.34
C TYR B 305 -27.40 -4.00 7.37
N ALA B 306 -26.14 -4.19 7.75
CA ALA B 306 -25.77 -5.15 8.79
C ALA B 306 -24.86 -4.45 9.80
N GLU B 307 -25.17 -4.61 11.08
CA GLU B 307 -24.35 -4.07 12.16
C GLU B 307 -24.16 -5.15 13.21
N LEU B 308 -22.90 -5.42 13.57
CA LEU B 308 -22.56 -6.41 14.58
C LEU B 308 -21.59 -5.78 15.58
N ASN B 309 -22.08 -5.52 16.79
CA ASN B 309 -21.29 -4.94 17.86
C ASN B 309 -21.11 -5.97 18.95
N GLN B 310 -19.87 -6.19 19.36
CA GLN B 310 -19.53 -7.17 20.39
C GLN B 310 -18.63 -6.53 21.43
N MET B 311 -19.09 -6.48 22.68
CA MET B 311 -18.32 -5.93 23.78
C MET B 311 -18.03 -7.03 24.79
N GLY B 312 -16.77 -7.12 25.21
CA GLY B 312 -16.38 -8.08 26.22
C GLY B 312 -15.46 -9.20 25.75
N LEU B 313 -15.72 -10.42 26.20
CA LEU B 313 -14.84 -11.55 25.98
C LEU B 313 -15.58 -12.67 25.26
N MET B 314 -14.97 -13.19 24.18
CA MET B 314 -15.38 -14.43 23.53
C MET B 314 -16.84 -14.38 23.06
N ASN B 315 -17.27 -13.25 22.53
CA ASN B 315 -18.59 -13.16 21.92
C ASN B 315 -18.52 -13.58 20.46
N THR B 316 -19.51 -14.36 20.03
CA THR B 316 -19.55 -14.91 18.68
C THR B 316 -20.80 -14.40 17.98
N GLY B 317 -20.61 -13.84 16.77
CA GLY B 317 -21.73 -13.29 16.03
C GLY B 317 -21.67 -13.58 14.55
N SER B 318 -22.81 -13.97 13.98
CA SER B 318 -22.91 -14.25 12.55
C SER B 318 -24.18 -13.61 12.00
N ILE B 319 -24.03 -12.84 10.94
CA ILE B 319 -25.16 -12.19 10.26
C ILE B 319 -25.07 -12.54 8.78
N THR B 320 -26.17 -13.06 8.22
CA THR B 320 -26.26 -13.39 6.81
C THR B 320 -27.51 -12.73 6.25
N GLN B 321 -27.35 -11.96 5.18
CA GLN B 321 -28.44 -11.26 4.53
C GLN B 321 -28.45 -11.60 3.04
N ASP B 322 -29.61 -12.03 2.53
CA ASP B 322 -29.80 -12.34 1.13
C ASP B 322 -31.07 -11.66 0.65
N GLY B 323 -30.93 -10.74 -0.29
CA GLY B 323 -32.07 -10.08 -0.90
C GLY B 323 -31.96 -8.57 -0.80
N MET B 324 -33.12 -7.93 -0.73
CA MET B 324 -33.22 -6.48 -0.85
C MET B 324 -33.61 -5.85 0.48
N GLY B 325 -32.87 -4.81 0.88
CA GLY B 325 -33.28 -3.96 1.97
C GLY B 325 -33.29 -4.61 3.34
N ASN B 326 -32.57 -5.70 3.53
CA ASN B 326 -32.56 -6.38 4.82
C ASN B 326 -31.72 -5.58 5.81
N SER B 327 -32.26 -5.40 7.02
CA SER B 327 -31.59 -4.66 8.08
C SER B 327 -31.45 -5.54 9.30
N ALA B 328 -30.23 -5.76 9.74
CA ALA B 328 -29.94 -6.58 10.91
C ALA B 328 -29.00 -5.83 11.84
N ILE B 329 -29.37 -5.74 13.11
CA ILE B 329 -28.55 -5.11 14.13
C ILE B 329 -28.42 -6.07 15.30
N THR B 330 -27.18 -6.49 15.58
CA THR B 330 -26.90 -7.40 16.69
C THR B 330 -25.90 -6.73 17.63
N SER B 331 -26.23 -6.73 18.92
CA SER B 331 -25.39 -6.15 19.96
C SER B 331 -25.23 -7.17 21.07
N GLN B 332 -24.00 -7.62 21.30
CA GLN B 332 -23.67 -8.61 22.31
C GLN B 332 -22.87 -7.95 23.42
N GLY B 333 -23.33 -8.11 24.65
CA GLY B 333 -22.61 -7.67 25.84
C GLY B 333 -22.41 -8.83 26.79
N GLY B 334 -21.22 -8.91 27.37
CA GLY B 334 -20.91 -9.98 28.29
C GLY B 334 -19.88 -10.95 27.75
N SER B 335 -19.96 -12.18 28.24
CA SER B 335 -18.99 -13.23 27.92
C SER B 335 -19.70 -14.41 27.27
N MET B 336 -19.11 -14.94 26.20
CA MET B 336 -19.54 -16.18 25.56
C MET B 336 -20.95 -16.10 24.99
N ASN B 337 -21.31 -14.93 24.47
CA ASN B 337 -22.59 -14.78 23.78
C ASN B 337 -22.48 -15.26 22.34
N MET B 338 -23.50 -15.98 21.88
CA MET B 338 -23.55 -16.50 20.52
C MET B 338 -24.83 -16.00 19.85
N SER B 339 -24.67 -15.38 18.68
CA SER B 339 -25.79 -14.83 17.93
C SER B 339 -25.69 -15.27 16.48
N THR B 340 -26.80 -15.73 15.91
CA THR B 340 -26.88 -16.12 14.52
C THR B 340 -28.15 -15.54 13.91
N VAL B 341 -28.00 -14.71 12.88
CA VAL B 341 -29.11 -14.05 12.21
C VAL B 341 -29.04 -14.42 10.74
N THR B 342 -30.16 -14.90 10.18
CA THR B 342 -30.27 -15.22 8.77
C THR B 342 -31.54 -14.58 8.21
N GLN B 343 -31.37 -13.69 7.24
CA GLN B 343 -32.49 -12.99 6.63
C GLN B 343 -32.49 -13.24 5.12
N SER B 344 -33.66 -13.57 4.58
CA SER B 344 -33.85 -13.76 3.14
C SER B 344 -35.09 -13.02 2.69
N GLY B 345 -34.99 -12.34 1.55
CA GLY B 345 -36.13 -11.64 0.99
C GLY B 345 -35.98 -10.14 1.00
N THR B 346 -37.12 -9.47 1.13
CA THR B 346 -37.21 -8.01 1.07
C THR B 346 -37.76 -7.44 2.36
N GLY B 347 -37.10 -6.41 2.88
CA GLY B 347 -37.64 -5.66 4.00
C GLY B 347 -37.59 -6.35 5.34
N ASN B 348 -36.67 -7.29 5.54
CA ASN B 348 -36.55 -7.98 6.81
C ASN B 348 -35.79 -7.11 7.82
N ILE B 349 -36.35 -7.00 9.01
CA ILE B 349 -35.76 -6.21 10.09
C ILE B 349 -35.53 -7.13 11.28
N SER B 350 -34.28 -7.21 11.73
CA SER B 350 -33.90 -8.07 12.85
C SER B 350 -33.11 -7.26 13.86
N LEU B 351 -33.51 -7.36 15.13
CA LEU B 351 -32.81 -6.71 16.23
C LEU B 351 -32.51 -7.75 17.29
N VAL B 352 -31.22 -8.00 17.54
CA VAL B 352 -30.78 -8.97 18.53
C VAL B 352 -29.96 -8.22 19.58
N ASN B 353 -30.37 -8.33 20.83
CA ASN B 353 -29.63 -7.77 21.95
C ASN B 353 -29.37 -8.88 22.96
N GLN B 354 -28.10 -9.22 23.16
CA GLN B 354 -27.70 -10.24 24.12
C GLN B 354 -26.85 -9.59 25.19
N HIS B 355 -27.50 -9.08 26.24
CA HIS B 355 -26.76 -8.50 27.36
C HIS B 355 -26.21 -9.59 28.24
N GLN C 1 -24.37 -7.93 30.10
CA GLN C 1 -24.08 -8.29 31.48
C GLN C 1 -24.54 -9.72 31.76
N GLY C 2 -25.31 -10.27 30.82
CA GLY C 2 -25.76 -11.65 30.92
C GLY C 2 -24.91 -12.54 30.04
N THR C 3 -24.64 -13.76 30.52
CA THR C 3 -23.74 -14.68 29.84
C THR C 3 -24.53 -15.68 29.02
N THR C 4 -24.07 -15.94 27.79
CA THR C 4 -24.49 -17.05 26.93
C THR C 4 -25.92 -16.92 26.40
N SER C 5 -26.45 -15.72 26.28
CA SER C 5 -27.77 -15.55 25.67
C SER C 5 -27.71 -15.84 24.18
N SER C 6 -28.79 -16.41 23.65
CA SER C 6 -28.88 -16.79 22.25
C SER C 6 -30.17 -16.25 21.65
N ALA C 7 -30.05 -15.60 20.48
CA ALA C 7 -31.19 -15.05 19.76
C ALA C 7 -31.02 -15.34 18.27
N THR C 8 -32.09 -15.83 17.64
CA THR C 8 -32.08 -16.18 16.23
C THR C 8 -33.32 -15.61 15.56
N THR C 9 -33.13 -14.96 14.40
CA THR C 9 -34.21 -14.43 13.60
C THR C 9 -34.08 -14.93 12.17
N SER C 10 -35.16 -15.46 11.62
CA SER C 10 -35.20 -15.94 10.25
C SER C 10 -36.47 -15.43 9.58
N GLN C 11 -36.31 -14.54 8.61
CA GLN C 11 -37.43 -13.89 7.95
C GLN C 11 -37.34 -14.12 6.44
N THR C 12 -38.39 -14.71 5.87
CA THR C 12 -38.54 -14.84 4.43
C THR C 12 -39.83 -14.14 4.01
N GLY C 13 -39.72 -13.28 3.00
CA GLY C 13 -40.89 -12.56 2.52
C GLY C 13 -40.70 -11.06 2.43
N ASN C 14 -41.80 -10.31 2.52
CA ASN C 14 -41.78 -8.86 2.34
C ASN C 14 -42.27 -8.18 3.60
N THR C 15 -41.53 -7.14 4.03
CA THR C 15 -41.94 -6.24 5.12
C THR C 15 -42.17 -6.98 6.43
N ASN C 16 -41.41 -8.04 6.69
CA ASN C 16 -41.51 -8.74 7.96
C ASN C 16 -40.67 -8.03 9.02
N THR C 17 -41.21 -7.93 10.23
CA THR C 17 -40.57 -7.25 11.34
C THR C 17 -40.35 -8.24 12.48
N ALA C 18 -39.10 -8.35 12.95
CA ALA C 18 -38.75 -9.20 14.08
C ALA C 18 -37.88 -8.41 15.05
N VAL C 19 -38.30 -8.33 16.30
CA VAL C 19 -37.57 -7.63 17.34
C VAL C 19 -37.34 -8.59 18.50
N ILE C 20 -36.09 -8.73 18.92
CA ILE C 20 -35.73 -9.55 20.08
C ILE C 20 -34.89 -8.69 21.02
N ASP C 21 -35.35 -8.58 22.27
CA ASP C 21 -34.68 -7.80 23.30
C ASP C 21 -34.46 -8.69 24.52
N GLN C 22 -33.22 -9.11 24.72
CA GLN C 22 -32.83 -9.92 25.88
C GLN C 22 -31.96 -9.06 26.79
N VAL C 23 -32.56 -8.56 27.88
CA VAL C 23 -31.87 -7.70 28.82
C VAL C 23 -31.61 -8.52 30.08
N GLY C 24 -30.33 -8.80 30.35
CA GLY C 24 -29.95 -9.57 31.52
C GLY C 24 -30.36 -11.02 31.43
N GLY C 25 -29.81 -11.84 32.32
CA GLY C 25 -30.15 -13.25 32.39
C GLY C 25 -29.04 -14.14 31.84
N LEU C 26 -29.08 -15.40 32.25
CA LEU C 26 -28.08 -16.40 31.89
C LEU C 26 -28.72 -17.42 30.95
N ASN C 27 -28.16 -17.56 29.77
CA ASN C 27 -28.50 -18.63 28.82
C ASN C 27 -29.96 -18.55 28.37
N ASN C 28 -30.44 -17.34 28.08
CA ASN C 28 -31.78 -17.17 27.52
C ASN C 28 -31.75 -17.45 26.02
N SER C 29 -32.80 -18.10 25.52
CA SER C 29 -32.90 -18.50 24.13
C SER C 29 -34.18 -17.92 23.53
N ALA C 30 -34.03 -17.22 22.41
CA ALA C 30 -35.17 -16.66 21.69
C ALA C 30 -35.02 -16.95 20.20
N GLU C 31 -36.11 -17.39 19.56
CA GLU C 31 -36.10 -17.68 18.14
C GLU C 31 -37.38 -17.13 17.52
N ALA C 32 -37.24 -16.43 16.40
CA ALA C 32 -38.38 -15.84 15.69
C ALA C 32 -38.23 -16.14 14.21
N SER C 33 -39.17 -16.91 13.66
CA SER C 33 -39.20 -17.26 12.25
C SER C 33 -40.50 -16.75 11.64
N GLN C 34 -40.39 -16.00 10.56
CA GLN C 34 -41.54 -15.40 9.88
C GLN C 34 -41.44 -15.67 8.39
N ALA C 35 -42.37 -16.46 7.86
CA ALA C 35 -42.49 -16.73 6.44
C ALA C 35 -43.78 -16.09 5.94
N GLY C 36 -43.65 -15.20 4.96
CA GLY C 36 -44.82 -14.49 4.47
C GLY C 36 -44.61 -12.98 4.42
N ASP C 37 -45.70 -12.23 4.46
CA ASP C 37 -45.66 -10.78 4.28
C ASP C 37 -46.29 -10.08 5.47
N GLY C 38 -45.58 -9.09 6.00
CA GLY C 38 -46.13 -8.22 7.03
C GLY C 38 -46.20 -8.81 8.41
N ASN C 39 -45.56 -9.94 8.65
CA ASN C 39 -45.60 -10.56 9.97
C ASN C 39 -44.79 -9.75 10.98
N VAL C 40 -45.30 -9.65 12.19
CA VAL C 40 -44.67 -8.90 13.27
C VAL C 40 -44.42 -9.84 14.43
N ALA C 41 -43.18 -9.92 14.88
CA ALA C 41 -42.78 -10.76 16.01
C ALA C 41 -41.99 -9.91 17.00
N THR C 42 -42.39 -9.95 18.27
CA THR C 42 -41.71 -9.24 19.34
C THR C 42 -41.42 -10.22 20.47
N VAL C 43 -40.18 -10.27 20.91
CA VAL C 43 -39.74 -11.11 22.02
C VAL C 43 -38.97 -10.23 22.99
N THR C 44 -39.33 -10.29 24.28
CA THR C 44 -38.64 -9.52 25.31
C THR C 44 -38.41 -10.40 26.53
N GLN C 45 -37.16 -10.76 26.76
CA GLN C 45 -36.78 -11.58 27.91
C GLN C 45 -35.91 -10.74 28.84
N ALA C 46 -36.36 -10.57 30.07
CA ALA C 46 -35.69 -9.74 31.06
C ALA C 46 -35.43 -10.52 32.33
N GLU C 47 -34.16 -10.56 32.75
CA GLU C 47 -33.72 -11.05 34.05
C GLU C 47 -34.00 -12.54 34.27
N GLY C 48 -34.39 -13.27 33.24
CA GLY C 48 -34.67 -14.69 33.38
C GLY C 48 -33.47 -15.54 33.01
N MET C 49 -33.44 -16.75 33.59
CA MET C 49 -32.37 -17.70 33.36
C MET C 49 -32.95 -18.93 32.65
N ASP C 50 -32.30 -19.35 31.57
CA ASP C 50 -32.68 -20.54 30.81
C ASP C 50 -34.09 -20.46 30.26
N ASN C 51 -34.55 -19.25 29.94
CA ASN C 51 -35.87 -19.08 29.36
C ASN C 51 -35.83 -19.30 27.85
N ALA C 52 -36.85 -19.96 27.33
CA ALA C 52 -36.92 -20.31 25.92
C ALA C 52 -38.19 -19.72 25.32
N VAL C 53 -38.03 -19.00 24.20
CA VAL C 53 -39.13 -18.43 23.45
C VAL C 53 -38.99 -18.82 21.99
N TYR C 54 -40.07 -19.33 21.41
CA TYR C 54 -40.09 -19.72 20.01
C TYR C 54 -41.35 -19.14 19.36
N ILE C 55 -41.18 -18.40 18.27
CA ILE C 55 -42.29 -17.85 17.50
C ILE C 55 -42.13 -18.30 16.06
N ASP C 56 -43.20 -18.86 15.49
CA ASP C 56 -43.23 -19.29 14.09
C ASP C 56 -44.51 -18.73 13.46
N GLN C 57 -44.35 -17.80 12.53
CA GLN C 57 -45.47 -17.16 11.86
C GLN C 57 -45.41 -17.50 10.37
N VAL C 58 -46.54 -17.88 9.80
CA VAL C 58 -46.68 -18.14 8.37
C VAL C 58 -47.91 -17.40 7.87
N GLY C 59 -47.74 -16.59 6.84
CA GLY C 59 -48.86 -15.89 6.24
C GLY C 59 -48.73 -14.39 6.13
N LEU C 60 -49.86 -13.69 6.24
CA LEU C 60 -49.92 -12.25 6.03
C LEU C 60 -50.28 -11.53 7.33
N THR C 61 -49.43 -10.58 7.72
CA THR C 61 -49.72 -9.65 8.81
C THR C 61 -50.04 -10.34 10.13
N ASN C 62 -49.34 -11.44 10.43
CA ASN C 62 -49.51 -12.09 11.73
C ASN C 62 -48.70 -11.37 12.79
N THR C 63 -49.30 -11.23 13.98
CA THR C 63 -48.69 -10.50 15.08
C THR C 63 -48.52 -11.42 16.28
N ALA C 64 -47.30 -11.48 16.81
CA ALA C 64 -46.98 -12.29 17.99
C ALA C 64 -46.11 -11.47 18.93
N THR C 65 -46.47 -11.46 20.20
CA THR C 65 -45.70 -10.77 21.25
C THR C 65 -45.50 -11.72 22.42
N VAL C 66 -44.24 -11.86 22.86
CA VAL C 66 -43.89 -12.69 24.01
C VAL C 66 -43.06 -11.84 24.95
N LEU C 67 -43.44 -11.81 26.22
CA LEU C 67 -42.74 -11.07 27.27
C LEU C 67 -42.51 -11.99 28.46
N GLN C 68 -41.25 -12.34 28.71
CA GLN C 68 -40.88 -13.18 29.85
C GLN C 68 -39.98 -12.35 30.77
N GLU C 69 -40.52 -11.94 31.90
CA GLU C 69 -39.80 -11.14 32.88
C GLU C 69 -39.39 -12.04 34.04
N GLY C 70 -38.11 -12.44 34.05
CA GLY C 70 -37.59 -13.28 35.12
C GLY C 70 -38.06 -14.71 35.01
N GLY C 71 -37.71 -15.49 36.02
CA GLY C 71 -38.11 -16.88 36.09
C GLY C 71 -37.04 -17.83 35.58
N LEU C 72 -37.21 -19.10 35.94
CA LEU C 72 -36.26 -20.15 35.59
C LEU C 72 -36.95 -21.16 34.67
N ASP C 73 -36.34 -21.40 33.50
CA ASP C 73 -36.76 -22.45 32.58
C ASP C 73 -38.19 -22.25 32.07
N ASN C 74 -38.56 -21.00 31.80
CA ASN C 74 -39.87 -20.71 31.23
C ASN C 74 -39.84 -20.93 29.73
N ASP C 75 -40.88 -21.61 29.22
CA ASP C 75 -40.98 -21.96 27.81
C ASP C 75 -42.25 -21.34 27.23
N ALA C 76 -42.08 -20.59 26.14
CA ALA C 76 -43.19 -19.98 25.41
C ALA C 76 -43.10 -20.37 23.95
N ASP C 77 -44.21 -20.81 23.38
CA ASP C 77 -44.27 -21.23 21.98
C ASP C 77 -45.49 -20.61 21.32
N VAL C 78 -45.28 -19.97 20.18
CA VAL C 78 -46.33 -19.38 19.37
C VAL C 78 -46.21 -19.92 17.96
N ASP C 79 -47.32 -20.43 17.42
CA ASP C 79 -47.37 -20.96 16.07
C ASP C 79 -48.61 -20.42 15.39
N GLN C 80 -48.43 -19.50 14.45
CA GLN C 80 -49.53 -18.87 13.71
C GLN C 80 -49.42 -19.27 12.25
N ASP C 81 -50.51 -19.77 11.68
CA ASP C 81 -50.61 -20.12 10.27
C ASP C 81 -51.88 -19.50 9.72
N GLY C 82 -51.74 -18.47 8.90
CA GLY C 82 -52.89 -17.79 8.38
C GLY C 82 -52.63 -16.29 8.30
N ASP C 83 -53.71 -15.53 8.40
CA ASP C 83 -53.66 -14.08 8.21
C ASP C 83 -54.25 -13.36 9.42
N LEU C 84 -53.60 -12.25 9.80
CA LEU C 84 -54.12 -11.31 10.79
C LEU C 84 -54.31 -11.95 12.17
N ASN C 85 -53.54 -12.99 12.48
CA ASN C 85 -53.63 -13.64 13.77
C ASN C 85 -52.83 -12.87 14.81
N VAL C 86 -53.39 -12.73 16.00
CA VAL C 86 -52.78 -11.99 17.10
C VAL C 86 -52.55 -12.96 18.25
N ALA C 87 -51.31 -13.03 18.74
CA ALA C 87 -50.95 -13.88 19.86
C ALA C 87 -50.14 -13.08 20.87
N TYR C 88 -50.48 -13.23 22.15
CA TYR C 88 -49.79 -12.55 23.23
C TYR C 88 -49.47 -13.57 24.33
N ILE C 89 -48.23 -13.58 24.80
CA ILE C 89 -47.79 -14.43 25.90
C ILE C 89 -47.03 -13.57 26.89
N TRP C 90 -47.41 -13.67 28.17
CA TRP C 90 -46.71 -13.00 29.25
C TRP C 90 -46.41 -14.03 30.34
N GLN C 91 -45.16 -14.06 30.78
CA GLN C 91 -44.73 -14.94 31.87
C GLN C 91 -43.87 -14.13 32.83
N ASN C 92 -44.38 -13.93 34.05
CA ASN C 92 -43.71 -13.11 35.05
C ASN C 92 -43.36 -13.96 36.27
N LEU C 93 -42.07 -14.05 36.57
CA LEU C 93 -41.56 -14.63 37.81
C LEU C 93 -41.98 -16.09 38.02
N GLY C 94 -42.20 -16.84 36.96
CA GLY C 94 -42.58 -18.22 37.07
C GLY C 94 -41.43 -19.18 36.79
N GLU C 95 -41.48 -20.35 37.40
CA GLU C 95 -40.48 -21.40 37.22
C GLU C 95 -41.12 -22.55 36.46
N ASP C 96 -40.45 -22.98 35.37
CA ASP C 96 -40.87 -24.14 34.58
C ASP C 96 -42.28 -23.98 34.01
N ASN C 97 -42.68 -22.74 33.73
CA ASN C 97 -44.00 -22.51 33.14
C ASN C 97 -43.96 -22.73 31.64
N ASP C 98 -44.99 -23.40 31.12
CA ASP C 98 -45.09 -23.72 29.70
C ASP C 98 -46.34 -23.05 29.14
N ALA C 99 -46.15 -22.25 28.09
CA ALA C 99 -47.24 -21.59 27.40
C ALA C 99 -47.18 -21.94 25.91
N ASP C 100 -48.31 -22.35 25.35
CA ASP C 100 -48.38 -22.74 23.95
C ASP C 100 -49.60 -22.10 23.32
N ILE C 101 -49.40 -21.44 22.18
CA ILE C 101 -50.47 -20.86 21.38
C ILE C 101 -50.33 -21.39 19.97
N ASP C 102 -51.42 -21.93 19.43
CA ASP C 102 -51.46 -22.44 18.07
C ASP C 102 -52.71 -21.91 17.39
N GLN C 103 -52.53 -20.96 16.47
CA GLN C 103 -53.64 -20.33 15.76
C GLN C 103 -53.53 -20.66 14.28
N ASP C 104 -54.62 -21.18 13.70
CA ASP C 104 -54.70 -21.45 12.27
C ASP C 104 -55.97 -20.77 11.74
N GLY C 105 -55.79 -19.81 10.83
CA GLY C 105 -56.92 -19.17 10.21
C GLY C 105 -56.73 -17.67 10.12
N THR C 106 -57.84 -16.96 10.31
CA THR C 106 -57.89 -15.51 10.10
C THR C 106 -58.38 -14.80 11.35
N LEU C 107 -57.71 -13.70 11.69
CA LEU C 107 -58.17 -12.76 12.71
C LEU C 107 -58.33 -13.41 14.09
N ASN C 108 -57.56 -14.45 14.37
CA ASN C 108 -57.65 -15.11 15.66
C ASN C 108 -56.84 -14.36 16.70
N ASP C 109 -57.42 -14.20 17.89
CA ASP C 109 -56.78 -13.50 19.01
C ASP C 109 -56.63 -14.48 20.17
N ALA C 110 -55.39 -14.68 20.62
CA ALA C 110 -55.10 -15.55 21.74
C ALA C 110 -54.18 -14.84 22.73
N ALA C 111 -54.47 -15.00 24.01
CA ALA C 111 -53.67 -14.38 25.06
C ALA C 111 -53.45 -15.38 26.18
N ILE C 112 -52.20 -15.47 26.64
CA ILE C 112 -51.81 -16.32 27.76
C ILE C 112 -51.02 -15.49 28.74
N GLU C 113 -51.42 -15.50 30.00
CA GLU C 113 -50.77 -14.75 31.06
C GLU C 113 -50.48 -15.71 32.21
N GLN C 114 -49.23 -15.76 32.64
CA GLN C 114 -48.82 -16.61 33.76
C GLN C 114 -47.98 -15.75 34.72
N ASP C 115 -48.60 -15.33 35.81
CA ASP C 115 -47.94 -14.51 36.82
C ASP C 115 -47.51 -15.41 37.97
N GLY C 116 -46.23 -15.79 37.97
CA GLY C 116 -45.70 -16.64 39.01
C GLY C 116 -46.13 -18.09 38.86
N GLY C 117 -45.79 -18.87 39.88
CA GLY C 117 -46.15 -20.28 39.92
C GLY C 117 -45.08 -21.17 39.36
N GLU C 118 -45.23 -22.47 39.63
CA GLU C 118 -44.28 -23.49 39.20
C GLU C 118 -45.02 -24.55 38.40
N ASP C 119 -44.47 -24.91 37.24
CA ASP C 119 -44.98 -26.01 36.42
C ASP C 119 -46.39 -25.77 35.91
N ASN C 120 -46.74 -24.51 35.67
CA ASN C 120 -48.06 -24.17 35.13
C ASN C 120 -48.06 -24.36 33.62
N ASP C 121 -49.06 -25.05 33.11
CA ASP C 121 -49.17 -25.36 31.68
C ASP C 121 -50.42 -24.70 31.12
N ALA C 122 -50.24 -23.90 30.08
CA ALA C 122 -51.34 -23.25 29.38
C ALA C 122 -51.26 -23.56 27.89
N ASP C 123 -52.37 -23.99 27.31
CA ASP C 123 -52.42 -24.34 25.89
C ASP C 123 -53.67 -23.75 25.27
N ILE C 124 -53.49 -23.05 24.15
CA ILE C 124 -54.59 -22.50 23.37
C ILE C 124 -54.44 -22.99 21.94
N ASP C 125 -55.51 -23.55 21.38
CA ASP C 125 -55.54 -24.01 20.00
C ASP C 125 -56.81 -23.46 19.34
N GLN C 126 -56.62 -22.55 18.39
CA GLN C 126 -57.72 -21.91 17.68
C GLN C 126 -57.62 -22.25 16.20
N ASP C 127 -58.74 -22.68 15.62
CA ASP C 127 -58.85 -22.93 14.19
C ASP C 127 -60.10 -22.23 13.68
N GLY C 128 -59.92 -21.34 12.70
CA GLY C 128 -61.05 -20.64 12.13
C GLY C 128 -60.88 -19.15 11.97
N SER C 129 -61.96 -18.41 12.19
CA SER C 129 -61.98 -16.97 11.94
C SER C 129 -62.45 -16.22 13.18
N GLU C 130 -61.68 -15.20 13.58
CA GLU C 130 -62.08 -14.23 14.60
C GLU C 130 -62.41 -14.88 15.94
N ASN C 131 -61.67 -15.93 16.32
CA ASN C 131 -61.86 -16.54 17.63
C ASN C 131 -60.99 -15.85 18.67
N ALA C 132 -61.56 -15.62 19.85
CA ALA C 132 -60.88 -14.96 20.95
C ALA C 132 -60.72 -15.94 22.11
N ALA C 133 -59.49 -16.08 22.60
CA ALA C 133 -59.21 -16.98 23.70
C ALA C 133 -58.27 -16.30 24.70
N TYR C 134 -58.58 -16.45 25.98
CA TYR C 134 -57.74 -15.90 27.04
C TYR C 134 -57.51 -16.96 28.12
N VAL C 135 -56.27 -17.11 28.53
CA VAL C 135 -55.89 -18.01 29.63
C VAL C 135 -55.08 -17.19 30.63
N GLY C 136 -55.49 -17.22 31.89
CA GLY C 136 -54.77 -16.54 32.96
C GLY C 136 -54.48 -17.47 34.12
N GLN C 137 -53.24 -17.48 34.59
CA GLN C 137 -52.83 -18.32 35.71
C GLN C 137 -51.99 -17.46 36.66
N THR C 138 -52.55 -17.10 37.80
CA THR C 138 -51.87 -16.30 38.81
C THR C 138 -51.53 -17.21 39.98
N GLY C 139 -50.24 -17.53 40.13
CA GLY C 139 -49.81 -18.39 41.21
C GLY C 139 -50.21 -19.84 41.03
N GLY C 140 -49.86 -20.68 41.99
CA GLY C 140 -50.25 -22.07 41.96
C GLY C 140 -49.18 -22.96 41.34
N GLU C 141 -49.31 -24.26 41.61
CA GLU C 141 -48.38 -25.27 41.14
C GLU C 141 -49.13 -26.32 40.35
N ASP C 142 -48.58 -26.70 39.18
CA ASP C 142 -49.09 -27.79 38.38
C ASP C 142 -50.52 -27.52 37.87
N ASN C 143 -50.83 -26.26 37.59
CA ASN C 143 -52.13 -25.90 37.05
C ASN C 143 -52.12 -26.08 35.54
N ASP C 144 -53.18 -26.71 35.02
CA ASP C 144 -53.30 -27.03 33.60
C ASP C 144 -54.53 -26.36 33.03
N ALA C 145 -54.34 -25.57 31.98
CA ALA C 145 -55.44 -24.91 31.27
C ALA C 145 -55.34 -25.24 29.78
N ASP C 146 -56.47 -25.66 29.20
CA ASP C 146 -56.51 -26.02 27.79
C ASP C 146 -57.76 -25.42 27.16
N ILE C 147 -57.56 -24.73 26.04
CA ILE C 147 -58.66 -24.15 25.25
C ILE C 147 -58.53 -24.66 23.82
N ASP C 148 -59.63 -25.14 23.27
CA ASP C 148 -59.70 -25.61 21.89
C ASP C 148 -60.94 -25.01 21.25
N GLN C 149 -60.75 -24.09 20.30
CA GLN C 149 -61.83 -23.40 19.62
C GLN C 149 -61.75 -23.71 18.14
N ASP C 150 -62.89 -24.09 17.55
CA ASP C 150 -63.00 -24.29 16.11
C ASP C 150 -64.25 -23.56 15.62
N GLY C 151 -64.07 -22.63 14.68
CA GLY C 151 -65.20 -21.96 14.07
C GLY C 151 -65.01 -20.46 14.02
N THR C 152 -66.11 -19.74 14.24
CA THR C 152 -66.18 -18.30 14.06
C THR C 152 -66.69 -17.63 15.33
N PHE C 153 -66.07 -16.50 15.68
CA PHE C 153 -66.55 -15.60 16.73
C PHE C 153 -66.65 -16.27 18.10
N ASN C 154 -65.85 -17.30 18.36
CA ASN C 154 -65.90 -18.01 19.61
C ASN C 154 -65.07 -17.29 20.67
N ASN C 155 -65.65 -17.14 21.87
CA ASN C 155 -65.00 -16.48 22.98
C ASN C 155 -64.76 -17.50 24.09
N ALA C 156 -63.52 -17.63 24.52
CA ALA C 156 -63.14 -18.55 25.58
C ALA C 156 -62.31 -17.83 26.63
N TYR C 157 -62.66 -18.04 27.89
CA TYR C 157 -61.94 -17.45 29.02
C TYR C 157 -61.65 -18.54 30.04
N ILE C 158 -60.40 -18.64 30.47
CA ILE C 158 -60.00 -19.55 31.53
C ILE C 158 -59.17 -18.77 32.54
N GLY C 159 -59.56 -18.83 33.81
CA GLY C 159 -58.82 -18.16 34.87
C GLY C 159 -58.54 -19.10 36.03
N GLN C 160 -57.30 -19.13 36.49
CA GLN C 160 -56.89 -19.97 37.62
C GLN C 160 -56.04 -19.10 38.56
N PHE C 161 -56.62 -18.73 39.69
CA PHE C 161 -55.94 -17.89 40.67
C PHE C 161 -55.60 -18.77 41.88
N GLY C 162 -54.35 -19.24 41.92
CA GLY C 162 -53.90 -20.09 43.00
C GLY C 162 -54.38 -21.52 42.87
N GLY C 163 -53.94 -22.35 43.81
CA GLY C 163 -54.34 -23.73 43.88
C GLY C 163 -53.33 -24.65 43.20
N GLU C 164 -53.42 -25.93 43.55
CA GLU C 164 -52.51 -26.96 43.07
C GLU C 164 -53.30 -28.01 42.29
N ASP C 165 -52.78 -28.38 41.11
CA ASP C 165 -53.33 -29.45 40.28
C ASP C 165 -54.74 -29.14 39.81
N ASN C 166 -55.04 -27.88 39.52
CA ASN C 166 -56.33 -27.50 38.98
C ASN C 166 -56.33 -27.66 37.47
N GLU C 167 -57.36 -28.32 36.94
CA GLU C 167 -57.44 -28.62 35.51
C GLU C 167 -58.68 -27.95 34.92
N ALA C 168 -58.48 -27.18 33.86
CA ALA C 168 -59.55 -26.51 33.13
C ALA C 168 -59.47 -26.90 31.67
N ASP C 169 -60.59 -27.38 31.11
CA ASP C 169 -60.66 -27.79 29.72
C ASP C 169 -61.86 -27.13 29.07
N LEU C 170 -61.63 -26.44 27.95
CA LEU C 170 -62.67 -25.71 27.24
C LEU C 170 -62.63 -26.14 25.77
N ASP C 171 -63.78 -26.53 25.24
CA ASP C 171 -63.91 -26.94 23.85
C ASP C 171 -65.13 -26.25 23.25
N GLN C 172 -64.92 -25.51 22.17
CA GLN C 172 -65.99 -24.81 21.47
C GLN C 172 -65.91 -25.16 19.99
N ASP C 173 -67.06 -25.53 19.41
CA ASP C 173 -67.18 -25.79 17.98
C ASP C 173 -68.42 -25.07 17.46
N GLY C 174 -68.22 -24.09 16.60
CA GLY C 174 -69.34 -23.42 15.96
C GLY C 174 -69.15 -21.93 15.91
N ASP C 175 -70.25 -21.22 16.08
CA ASP C 175 -70.33 -19.78 15.86
C ASP C 175 -70.76 -19.06 17.12
N ALA C 176 -70.01 -18.00 17.48
CA ALA C 176 -70.43 -17.03 18.49
C ALA C 176 -70.65 -17.65 19.87
N ASN C 177 -69.90 -18.70 20.20
CA ASN C 177 -70.05 -19.37 21.48
C ASN C 177 -69.17 -18.73 22.53
N TYR C 178 -69.73 -18.52 23.73
CA TYR C 178 -69.01 -17.93 24.86
C TYR C 178 -68.90 -18.97 25.96
N ALA C 179 -67.66 -19.20 26.42
CA ALA C 179 -67.40 -20.14 27.50
C ALA C 179 -66.42 -19.50 28.48
N ALA C 180 -66.69 -19.65 29.78
CA ALA C 180 -65.86 -19.08 30.82
C ALA C 180 -65.68 -20.09 31.95
N ILE C 181 -64.43 -20.26 32.39
CA ILE C 181 -64.08 -21.13 33.50
C ILE C 181 -63.27 -20.30 34.48
N LEU C 182 -63.65 -20.35 35.76
CA LEU C 182 -62.95 -19.63 36.81
C LEU C 182 -62.67 -20.60 37.96
N GLN C 183 -61.43 -20.62 38.43
CA GLN C 183 -61.01 -21.46 39.55
C GLN C 183 -60.16 -20.61 40.49
N ASP C 184 -60.74 -20.20 41.61
CA ASP C 184 -60.06 -19.37 42.60
C ASP C 184 -59.70 -20.26 43.78
N GLY C 185 -58.46 -20.74 43.79
CA GLY C 185 -57.97 -21.58 44.87
C GLY C 185 -58.47 -23.00 44.76
N GLY C 186 -58.03 -23.82 45.72
CA GLY C 186 -58.45 -25.21 45.79
C GLY C 186 -57.49 -26.15 45.10
N GLU C 187 -57.58 -27.42 45.49
CA GLU C 187 -56.70 -28.46 44.98
C GLU C 187 -57.50 -29.49 44.21
N ASP C 188 -56.96 -29.89 43.04
CA ASP C 188 -57.52 -30.96 42.23
C ASP C 188 -58.91 -30.63 41.69
N ASN C 189 -59.16 -29.37 41.36
CA ASN C 189 -60.44 -28.99 40.77
C ASN C 189 -60.43 -29.24 39.27
N ASP C 190 -61.49 -29.87 38.78
CA ASP C 190 -61.62 -30.22 37.37
C ASP C 190 -62.86 -29.53 36.79
N ALA C 191 -62.65 -28.72 35.76
CA ALA C 191 -63.73 -28.04 35.06
C ALA C 191 -63.64 -28.38 33.58
N ASP C 192 -64.77 -28.75 32.98
CA ASP C 192 -64.84 -29.12 31.57
C ASP C 192 -66.06 -28.47 30.95
N ILE C 193 -65.86 -27.74 29.85
CA ILE C 193 -66.94 -27.13 29.10
C ILE C 193 -66.83 -27.60 27.65
N ASP C 194 -67.95 -28.05 27.09
CA ASP C 194 -68.02 -28.47 25.69
C ASP C 194 -69.27 -27.85 25.08
N GLN C 195 -69.07 -27.00 24.06
CA GLN C 195 -70.16 -26.31 23.38
C GLN C 195 -70.09 -26.63 21.90
N ASP C 196 -71.22 -27.02 21.33
CA ASP C 196 -71.37 -27.25 19.89
C ASP C 196 -72.60 -26.50 19.41
N GLY C 197 -72.39 -25.54 18.50
CA GLY C 197 -73.52 -24.85 17.90
C GLY C 197 -73.28 -23.36 17.81
N THR C 198 -74.36 -22.61 18.03
CA THR C 198 -74.36 -21.17 17.81
C THR C 198 -74.82 -20.42 19.06
N ASN C 199 -74.06 -19.41 19.45
CA ASN C 199 -74.47 -18.44 20.46
C ASN C 199 -74.75 -19.11 21.82
N ASN C 200 -73.93 -20.09 22.19
CA ASN C 200 -74.09 -20.77 23.46
C ASN C 200 -73.27 -20.08 24.54
N TRP C 201 -73.88 -19.90 25.71
CA TRP C 201 -73.25 -19.25 26.85
C TRP C 201 -73.05 -20.27 27.96
N ALA C 202 -71.81 -20.42 28.41
CA ALA C 202 -71.47 -21.33 29.50
C ALA C 202 -70.52 -20.65 30.47
N GLU C 203 -70.82 -20.73 31.76
CA GLU C 203 -69.95 -20.17 32.79
C GLU C 203 -69.86 -21.13 33.95
N THR C 204 -68.63 -21.41 34.40
CA THR C 204 -68.38 -22.28 35.53
C THR C 204 -67.45 -21.57 36.50
N ASN C 205 -67.76 -21.65 37.79
CA ASN C 205 -66.97 -21.03 38.84
C ASN C 205 -66.74 -22.03 39.97
N GLN C 206 -65.49 -22.18 40.39
CA GLN C 206 -65.12 -23.01 41.53
C GLN C 206 -64.25 -22.17 42.45
N ILE C 207 -64.76 -21.86 43.64
CA ILE C 207 -64.08 -20.97 44.58
C ILE C 207 -63.72 -21.77 45.82
N GLN C 208 -62.41 -21.92 46.08
CA GLN C 208 -61.89 -22.49 47.32
C GLN C 208 -62.45 -23.87 47.60
N GLY C 209 -62.59 -24.69 46.55
CA GLY C 209 -63.08 -26.05 46.70
C GLY C 209 -62.00 -27.05 46.33
N ASN C 210 -62.06 -28.21 46.98
CA ASN C 210 -61.12 -29.30 46.73
C ASN C 210 -61.84 -30.45 46.04
N ASP C 211 -61.22 -30.99 44.99
CA ASP C 211 -61.72 -32.16 44.28
C ASP C 211 -63.10 -31.93 43.66
N ASN C 212 -63.41 -30.68 43.33
CA ASN C 212 -64.70 -30.37 42.72
C ASN C 212 -64.65 -30.66 41.22
N ASP C 213 -65.75 -31.21 40.70
CA ASP C 213 -65.85 -31.58 39.29
C ASP C 213 -67.07 -30.89 38.70
N VAL C 214 -66.85 -30.15 37.60
CA VAL C 214 -67.92 -29.48 36.87
C VAL C 214 -67.82 -29.89 35.40
N GLU C 215 -68.95 -30.31 34.84
CA GLU C 215 -69.02 -30.69 33.43
C GLU C 215 -70.24 -30.03 32.80
N VAL C 216 -70.02 -29.28 31.73
CA VAL C 216 -71.08 -28.61 30.99
C VAL C 216 -71.01 -29.06 29.54
N ASP C 217 -72.13 -29.50 28.99
CA ASP C 217 -72.24 -29.92 27.60
C ASP C 217 -73.47 -29.26 26.99
N GLN C 218 -73.26 -28.42 25.98
CA GLN C 218 -74.33 -27.70 25.30
C GLN C 218 -74.28 -28.02 23.82
N ASP C 219 -75.43 -28.38 23.26
CA ASP C 219 -75.59 -28.61 21.82
C ASP C 219 -76.79 -27.81 21.35
N GLY C 220 -76.58 -26.94 20.36
CA GLY C 220 -77.68 -26.22 19.77
C GLY C 220 -77.43 -24.72 19.73
N SER C 221 -78.49 -23.96 20.01
CA SER C 221 -78.45 -22.51 19.87
C SER C 221 -78.97 -21.83 21.14
N ASP C 222 -78.30 -20.75 21.54
CA ASP C 222 -78.78 -19.84 22.57
C ASP C 222 -78.95 -20.53 23.93
N ASN C 223 -78.17 -21.56 24.21
CA ASN C 223 -78.25 -22.24 25.49
C ASN C 223 -77.38 -21.55 26.52
N ILE C 224 -77.93 -21.36 27.72
CA ILE C 224 -77.24 -20.67 28.81
C ILE C 224 -77.09 -21.65 29.96
N ALA C 225 -75.85 -21.81 30.43
CA ALA C 225 -75.54 -22.67 31.56
C ALA C 225 -74.63 -21.92 32.52
N GLU C 226 -74.99 -21.93 33.81
CA GLU C 226 -74.19 -21.30 34.85
C GLU C 226 -74.03 -22.27 36.01
N VAL C 227 -72.80 -22.47 36.44
CA VAL C 227 -72.48 -23.40 37.54
C VAL C 227 -71.60 -22.66 38.53
N TRP C 228 -71.96 -22.72 39.81
CA TRP C 228 -71.17 -22.16 40.89
C TRP C 228 -70.96 -23.23 41.96
N GLN C 229 -69.72 -23.42 42.36
CA GLN C 229 -69.37 -24.32 43.46
C GLN C 229 -68.42 -23.57 44.39
N MET C 230 -68.86 -23.32 45.62
CA MET C 230 -68.11 -22.52 46.57
C MET C 230 -67.85 -23.33 47.85
N HIS C 231 -66.59 -23.44 48.23
CA HIS C 231 -66.17 -24.01 49.51
C HIS C 231 -66.63 -25.44 49.71
N GLY C 232 -66.71 -26.24 48.65
CA GLY C 232 -67.14 -27.62 48.77
C GLY C 232 -66.08 -28.62 48.39
N GLU C 233 -66.16 -29.83 48.94
CA GLU C 233 -65.23 -30.91 48.65
C GLU C 233 -65.98 -32.02 47.92
N ASP C 234 -65.40 -32.52 46.82
CA ASP C 234 -65.93 -33.66 46.08
C ASP C 234 -67.33 -33.39 45.52
N ASN C 235 -67.65 -32.14 45.23
CA ASN C 235 -68.94 -31.80 44.66
C ASN C 235 -68.91 -31.97 43.15
N GLU C 236 -69.96 -32.58 42.61
CA GLU C 236 -70.06 -32.84 41.18
C GLU C 236 -71.27 -32.12 40.61
N ALA C 237 -71.06 -31.36 39.54
CA ALA C 237 -72.12 -30.66 38.83
C ALA C 237 -72.07 -31.06 37.37
N ASN C 238 -73.22 -31.44 36.82
CA ASN C 238 -73.34 -31.86 35.43
C ASN C 238 -74.50 -31.13 34.78
N VAL C 239 -74.24 -30.50 33.64
CA VAL C 239 -75.26 -29.79 32.86
C VAL C 239 -75.21 -30.34 31.44
N ASP C 240 -76.37 -30.75 30.93
CA ASP C 240 -76.49 -31.25 29.56
C ASP C 240 -77.72 -30.56 28.94
N GLN C 241 -77.48 -29.75 27.91
CA GLN C 241 -78.54 -29.02 27.24
C GLN C 241 -78.50 -29.35 25.75
N ASP C 242 -79.65 -29.74 25.20
CA ASP C 242 -79.80 -29.99 23.77
C ASP C 242 -81.00 -29.20 23.26
N GLY C 243 -80.77 -28.24 22.37
CA GLY C 243 -81.86 -27.50 21.78
C GLY C 243 -81.59 -26.01 21.75
N ASP C 244 -82.66 -25.25 22.01
CA ASP C 244 -82.65 -23.80 21.87
C ASP C 244 -83.12 -23.14 23.17
N LEU C 245 -82.48 -22.04 23.53
CA LEU C 245 -82.95 -21.13 24.58
C LEU C 245 -83.07 -21.81 25.93
N ASN C 246 -82.27 -22.85 26.18
CA ASN C 246 -82.34 -23.55 27.46
C ASN C 246 -81.46 -22.86 28.49
N ASN C 247 -82.02 -22.68 29.69
CA ASN C 247 -81.34 -21.99 30.78
C ASN C 247 -81.19 -22.97 31.95
N ALA C 248 -79.96 -23.16 32.40
CA ALA C 248 -79.65 -24.03 33.53
C ALA C 248 -78.78 -23.27 34.52
N TYR C 249 -79.14 -23.32 35.80
CA TYR C 249 -78.37 -22.69 36.87
C TYR C 249 -78.17 -23.70 37.98
N ILE C 250 -76.92 -23.88 38.41
CA ILE C 250 -76.57 -24.78 39.50
C ILE C 250 -75.73 -24.00 40.51
N LEU C 251 -76.11 -24.08 41.78
CA LEU C 251 -75.37 -23.45 42.87
C LEU C 251 -75.14 -24.50 43.95
N GLN C 252 -73.88 -24.70 44.34
CA GLN C 252 -73.52 -25.62 45.42
C GLN C 252 -72.60 -24.87 46.38
N GLU C 253 -73.13 -24.47 47.53
CA GLU C 253 -72.37 -23.72 48.52
C GLU C 253 -72.02 -24.65 49.67
N GLY C 254 -70.76 -25.08 49.73
CA GLY C 254 -70.31 -25.97 50.78
C GLY C 254 -70.81 -27.38 50.57
N GLY C 255 -70.44 -28.25 51.51
CA GLY C 255 -70.89 -29.63 51.49
C GLY C 255 -69.86 -30.57 50.88
N MET C 256 -70.05 -31.85 51.13
CA MET C 256 -69.16 -32.90 50.64
C MET C 256 -69.97 -33.94 49.88
N ASN C 257 -69.49 -34.31 48.68
CA ASN C 257 -70.10 -35.35 47.86
C ASN C 257 -71.52 -34.99 47.43
N ASN C 258 -71.75 -33.70 47.15
CA ASN C 258 -73.04 -33.25 46.64
C ASN C 258 -73.06 -33.35 45.12
N LEU C 259 -74.14 -33.92 44.60
CA LEU C 259 -74.29 -34.18 43.16
C LEU C 259 -75.48 -33.41 42.62
N ALA C 260 -75.25 -32.62 41.58
CA ALA C 260 -76.30 -31.90 40.88
C ALA C 260 -76.27 -32.27 39.40
N ASP C 261 -77.42 -32.61 38.84
CA ASP C 261 -77.52 -33.01 37.44
C ASP C 261 -78.70 -32.30 36.81
N VAL C 262 -78.45 -31.62 35.70
CA VAL C 262 -79.48 -30.94 34.92
C VAL C 262 -79.43 -31.50 33.51
N HIS C 263 -80.57 -31.97 33.01
CA HIS C 263 -80.70 -32.46 31.65
C HIS C 263 -81.91 -31.77 31.02
N GLN C 264 -81.68 -31.06 29.91
CA GLN C 264 -82.73 -30.33 29.22
C GLN C 264 -82.69 -30.67 27.74
N ASN C 265 -83.85 -31.04 27.19
CA ASN C 265 -84.02 -31.21 25.75
C ASN C 265 -85.22 -30.39 25.32
N GLY C 266 -85.00 -29.48 24.35
CA GLY C 266 -86.10 -28.74 23.77
C GLY C 266 -85.79 -27.26 23.67
N VAL C 267 -86.84 -26.46 23.79
CA VAL C 267 -86.78 -25.01 23.61
C VAL C 267 -87.28 -24.33 24.87
N SER C 268 -86.50 -23.36 25.36
CA SER C 268 -86.93 -22.43 26.41
C SER C 268 -87.20 -23.13 27.74
N ASN C 269 -86.37 -24.11 28.08
CA ASN C 269 -86.50 -24.81 29.35
C ASN C 269 -85.63 -24.15 30.42
N THR C 270 -86.19 -24.00 31.61
CA THR C 270 -85.51 -23.34 32.73
C THR C 270 -85.37 -24.31 33.89
N ALA C 271 -84.13 -24.50 34.35
CA ALA C 271 -83.83 -25.38 35.47
C ALA C 271 -82.92 -24.67 36.46
N GLU C 272 -83.25 -24.75 37.75
CA GLU C 272 -82.46 -24.16 38.80
C GLU C 272 -82.27 -25.17 39.93
N ILE C 273 -81.03 -25.35 40.37
CA ILE C 273 -80.69 -26.25 41.45
C ILE C 273 -79.86 -25.48 42.47
N TYR C 274 -80.27 -25.55 43.73
CA TYR C 274 -79.57 -24.91 44.84
C TYR C 274 -79.30 -25.95 45.91
N GLN C 275 -78.05 -26.07 46.33
CA GLN C 275 -77.65 -26.97 47.40
C GLN C 275 -76.81 -26.17 48.39
N TYR C 276 -77.24 -26.13 49.65
CA TYR C 276 -76.55 -25.38 50.69
C TYR C 276 -76.00 -26.37 51.71
N GLY C 277 -74.74 -26.74 51.54
CA GLY C 277 -74.08 -27.68 52.44
C GLY C 277 -74.65 -29.08 52.35
N GLY C 278 -74.23 -29.95 53.27
CA GLY C 278 -74.75 -31.28 53.37
C GLY C 278 -73.84 -32.32 52.71
N MET C 279 -74.06 -33.58 53.09
CA MET C 279 -73.28 -34.70 52.58
C MET C 279 -74.18 -35.62 51.77
N ASP C 280 -73.72 -35.99 50.58
CA ASP C 280 -74.38 -36.98 49.73
C ASP C 280 -75.75 -36.51 49.25
N ASN C 281 -75.95 -35.20 49.15
CA ASN C 281 -77.18 -34.67 48.58
C ASN C 281 -77.17 -34.86 47.07
N GLU C 282 -78.28 -35.36 46.52
CA GLU C 282 -78.39 -35.64 45.10
C GLU C 282 -79.61 -34.91 44.55
N ALA C 283 -79.41 -34.17 43.46
CA ALA C 283 -80.49 -33.46 42.78
C ALA C 283 -80.44 -33.78 41.30
N TYR C 284 -81.59 -34.17 40.74
CA TYR C 284 -81.74 -34.45 39.32
C TYR C 284 -82.90 -33.65 38.78
N LEU C 285 -82.67 -32.92 37.69
CA LEU C 285 -83.71 -32.11 37.05
C LEU C 285 -83.71 -32.42 35.56
N ILE C 286 -84.73 -33.13 35.09
CA ILE C 286 -84.85 -33.53 33.69
C ILE C 286 -86.07 -32.83 33.11
N GLN C 287 -85.87 -32.16 31.97
CA GLN C 287 -86.94 -31.45 31.28
C GLN C 287 -86.90 -31.79 29.79
N ASP C 288 -87.85 -32.61 29.35
CA ASP C 288 -87.98 -32.98 27.95
C ASP C 288 -89.23 -32.31 27.40
N GLY C 289 -89.05 -31.33 26.51
CA GLY C 289 -90.16 -30.57 25.99
C GLY C 289 -89.82 -29.10 25.92
N ASP C 290 -90.87 -28.28 25.93
CA ASP C 290 -90.73 -26.84 25.73
C ASP C 290 -91.30 -26.07 26.92
N MET C 291 -90.63 -24.97 27.27
CA MET C 291 -91.09 -24.00 28.26
C MET C 291 -91.27 -24.61 29.65
N HIS C 292 -90.38 -25.52 30.04
CA HIS C 292 -90.45 -26.12 31.36
C HIS C 292 -89.72 -25.25 32.38
N THR C 293 -90.28 -25.22 33.60
CA THR C 293 -89.70 -24.49 34.73
C THR C 293 -89.53 -25.46 35.89
N GLY C 294 -88.30 -25.59 36.37
CA GLY C 294 -88.01 -26.48 37.48
C GLY C 294 -87.07 -25.84 38.48
N VAL C 295 -87.41 -25.98 39.77
CA VAL C 295 -86.63 -25.44 40.86
C VAL C 295 -86.44 -26.52 41.91
N ILE C 296 -85.19 -26.77 42.31
CA ILE C 296 -84.85 -27.73 43.35
C ILE C 296 -83.97 -27.02 44.37
N THR C 297 -84.33 -27.14 45.65
CA THR C 297 -83.58 -26.54 46.74
C THR C 297 -83.36 -27.59 47.83
N GLN C 298 -82.11 -27.73 48.26
CA GLN C 298 -81.73 -28.70 49.28
C GLN C 298 -80.88 -28.02 50.34
N SER C 299 -81.27 -28.21 51.61
CA SER C 299 -80.50 -27.73 52.76
C SER C 299 -80.61 -28.78 53.86
N GLY C 300 -79.51 -29.45 54.16
CA GLY C 300 -79.50 -30.44 55.21
C GLY C 300 -78.36 -31.41 55.05
N ASP C 301 -78.07 -32.13 56.14
CA ASP C 301 -76.93 -33.04 56.20
C ASP C 301 -77.40 -34.48 56.02
N GLY C 302 -77.13 -35.06 54.86
CA GLY C 302 -77.27 -36.49 54.70
C GLY C 302 -78.30 -37.00 53.70
N ALA C 303 -77.81 -37.43 52.53
CA ALA C 303 -78.56 -38.29 51.61
C ALA C 303 -79.91 -37.70 51.21
N ASN C 304 -79.96 -36.39 51.02
CA ASN C 304 -81.16 -35.78 50.47
C ASN C 304 -81.23 -36.05 48.96
N TYR C 305 -82.34 -36.65 48.53
CA TYR C 305 -82.54 -37.02 47.14
C TYR C 305 -83.74 -36.27 46.58
N ALA C 306 -83.54 -35.55 45.49
CA ALA C 306 -84.60 -34.84 44.80
C ALA C 306 -84.55 -35.16 43.32
N GLU C 307 -85.69 -35.50 42.74
CA GLU C 307 -85.80 -35.77 41.32
C GLU C 307 -87.03 -35.06 40.78
N LEU C 308 -86.84 -34.26 39.73
CA LEU C 308 -87.93 -33.52 39.09
C LEU C 308 -87.87 -33.76 37.59
N ASN C 309 -88.82 -34.54 37.08
CA ASN C 309 -88.91 -34.86 35.66
C ASN C 309 -90.16 -34.19 35.09
N GLN C 310 -89.99 -33.45 34.01
CA GLN C 310 -91.09 -32.73 33.36
C GLN C 310 -91.07 -33.02 31.87
N MET C 311 -92.15 -33.62 31.37
CA MET C 311 -92.30 -33.93 29.95
C MET C 311 -93.47 -33.14 29.38
N GLY C 312 -93.23 -32.49 28.25
CA GLY C 312 -94.27 -31.76 27.56
C GLY C 312 -94.10 -30.25 27.52
N LEU C 313 -95.18 -29.51 27.73
CA LEU C 313 -95.20 -28.06 27.55
C LEU C 313 -95.61 -27.37 28.84
N MET C 314 -94.82 -26.36 29.25
CA MET C 314 -95.20 -25.42 30.30
C MET C 314 -95.51 -26.12 31.63
N ASN C 315 -94.74 -27.14 31.97
CA ASN C 315 -94.87 -27.75 33.28
C ASN C 315 -94.01 -27.01 34.30
N THR C 316 -94.57 -26.80 35.50
CA THR C 316 -93.92 -26.05 36.56
C THR C 316 -93.70 -26.96 37.76
N GLY C 317 -92.48 -27.02 38.26
CA GLY C 317 -92.17 -27.88 39.39
C GLY C 317 -91.23 -27.25 40.39
N SER C 318 -91.54 -27.39 41.68
CA SER C 318 -90.72 -26.86 42.76
C SER C 318 -90.58 -27.92 43.84
N ILE C 319 -89.34 -28.20 44.23
CA ILE C 319 -89.04 -29.15 45.30
C ILE C 319 -88.13 -28.46 46.30
N THR C 320 -88.50 -28.49 47.57
CA THR C 320 -87.71 -27.92 48.65
C THR C 320 -87.54 -28.99 49.73
N GLN C 321 -86.29 -29.26 50.10
CA GLN C 321 -85.97 -30.25 51.12
C GLN C 321 -85.09 -29.61 52.18
N ASP C 322 -85.48 -29.75 53.44
CA ASP C 322 -84.73 -29.26 54.58
C ASP C 322 -84.62 -30.37 55.62
N GLY C 323 -83.40 -30.80 55.88
CA GLY C 323 -83.15 -31.79 56.91
C GLY C 323 -82.39 -32.97 56.37
N MET C 324 -82.63 -34.13 56.97
CA MET C 324 -81.84 -35.33 56.74
C MET C 324 -82.65 -36.38 55.97
N GLY C 325 -82.04 -36.92 54.91
CA GLY C 325 -82.57 -38.10 54.26
C GLY C 325 -83.90 -37.92 53.56
N ASN C 326 -84.28 -36.70 53.22
CA ASN C 326 -85.54 -36.47 52.54
C ASN C 326 -85.45 -36.91 51.09
N SER C 327 -86.47 -37.64 50.63
CA SER C 327 -86.52 -38.15 49.27
C SER C 327 -87.80 -37.66 48.62
N ALA C 328 -87.66 -36.94 47.51
CA ALA C 328 -88.80 -36.41 46.77
C ALA C 328 -88.64 -36.75 45.29
N ILE C 329 -89.68 -37.32 44.70
CA ILE C 329 -89.69 -37.66 43.28
C ILE C 329 -90.98 -37.09 42.68
N THR C 330 -90.83 -36.17 41.74
CA THR C 330 -91.96 -35.54 41.05
C THR C 330 -91.83 -35.79 39.56
N SER C 331 -92.90 -36.30 38.95
CA SER C 331 -92.95 -36.57 37.52
C SER C 331 -94.22 -35.93 36.95
N GLN C 332 -94.03 -34.97 36.05
CA GLN C 332 -95.13 -34.24 35.43
C GLN C 332 -95.21 -34.62 33.95
N GLY C 333 -96.38 -35.04 33.52
CA GLY C 333 -96.66 -35.31 32.12
C GLY C 333 -97.87 -34.49 31.67
N GLY C 334 -97.78 -33.95 30.46
CA GLY C 334 -98.85 -33.14 29.92
C GLY C 334 -98.48 -31.66 29.81
N SER C 335 -99.52 -30.84 29.87
CA SER C 335 -99.38 -29.39 29.69
C SER C 335 -99.87 -28.65 30.92
N MET C 336 -99.11 -27.64 31.34
CA MET C 336 -99.50 -26.71 32.39
C MET C 336 -99.69 -27.38 33.74
N ASN C 337 -98.88 -28.39 34.03
CA ASN C 337 -98.91 -29.03 35.34
C ASN C 337 -98.07 -28.23 36.34
N MET C 338 -98.59 -28.07 37.55
CA MET C 338 -97.91 -27.34 38.62
C MET C 338 -97.75 -28.27 39.82
N SER C 339 -96.53 -28.39 40.31
CA SER C 339 -96.22 -29.25 41.45
C SER C 339 -95.35 -28.48 42.44
N THR C 340 -95.71 -28.56 43.72
CA THR C 340 -94.95 -27.94 44.79
C THR C 340 -94.79 -28.94 45.93
N VAL C 341 -93.55 -29.28 46.27
CA VAL C 341 -93.25 -30.23 47.32
C VAL C 341 -92.35 -29.54 48.34
N THR C 342 -92.72 -29.60 49.61
CA THR C 342 -91.93 -29.06 50.70
C THR C 342 -91.78 -30.11 51.78
N GLN C 343 -90.54 -30.50 52.08
CA GLN C 343 -90.25 -31.51 53.08
C GLN C 343 -89.31 -30.94 54.13
N SER C 344 -89.62 -31.16 55.40
CA SER C 344 -88.79 -30.75 56.52
C SER C 344 -88.66 -31.90 57.50
N GLY C 345 -87.45 -32.11 57.99
CA GLY C 345 -87.19 -33.15 58.98
C GLY C 345 -86.36 -34.30 58.46
N THR C 346 -86.63 -35.48 59.01
CA THR C 346 -85.86 -36.68 58.72
C THR C 346 -86.75 -37.76 58.12
N GLY C 347 -86.27 -38.37 57.04
CA GLY C 347 -86.93 -39.55 56.49
C GLY C 347 -88.23 -39.29 55.76
N ASN C 348 -88.43 -38.09 55.24
CA ASN C 348 -89.65 -37.78 54.50
C ASN C 348 -89.57 -38.32 53.08
N ILE C 349 -90.63 -39.01 52.66
CA ILE C 349 -90.71 -39.60 51.33
C ILE C 349 -91.94 -39.02 50.63
N SER C 350 -91.72 -38.41 49.47
CA SER C 350 -92.79 -37.78 48.71
C SER C 350 -92.73 -38.26 47.26
N LEU C 351 -93.87 -38.72 46.75
CA LEU C 351 -94.01 -39.14 45.36
C LEU C 351 -95.18 -38.40 44.74
N VAL C 352 -94.88 -37.57 43.74
CA VAL C 352 -95.89 -36.80 43.02
C VAL C 352 -95.88 -37.23 41.56
N ASN C 353 -97.02 -37.68 41.07
CA ASN C 353 -97.19 -38.00 39.65
C ASN C 353 -98.38 -37.20 39.11
N GLN C 354 -98.11 -36.32 38.17
CA GLN C 354 -99.14 -35.50 37.54
C GLN C 354 -99.17 -35.84 36.05
N HIS C 355 -99.96 -36.86 35.69
CA HIS C 355 -100.11 -37.22 34.30
C HIS C 355 -101.06 -36.25 33.62
#